data_6YI9
#
_entry.id   6YI9
#
_cell.length_a   60.384
_cell.length_b   85.225
_cell.length_c   119.669
_cell.angle_alpha   90.00
_cell.angle_beta   90.00
_cell.angle_gamma   90.00
#
_symmetry.space_group_name_H-M   'P 21 21 21'
#
loop_
_entity.id
_entity.type
_entity.pdbx_description
1 polymer 'Phosphoenolpyruvate carboxykinase, cytosolic [GTP]'
2 non-polymer 1,2-ETHANEDIOL
3 water water
#
_entity_poly.entity_id   1
_entity_poly.type   'polypeptide(L)'
_entity_poly.pdbx_seq_one_letter_code
;MPPQLHNGLDFSAKVIQGSLDSLPQEVRKFVEGNAQLCQPEYIHICDGSEEEYGRLLAHMQEEGVIRKLKKYDNCWLALT
DPRDVARIESKTVIITQEQRDTVPIPKSGQSQLGRWMSEEDFEKAFNARFPGCMKGRTMYVIPFSMGPLGSPLAKIGIEL
TDSPYVVASMRIMTRMGTSVLEALGDGEFIKCLHSVGCPLPLKKPLVNNWACNPELTLIAHLPDRREIISFGSGYGGNSL
LGK(ALY)CFALRIASRLAKEEGWLAEHMLILGITNPEGKKKYLAAAFPSACGKTNLAMMNPTLPGWKVECVGDDIAWMK
FDAQGNLRAINPENGFFGVAPGTSVKTNPNAIKTIQKNTIFTNVAETSDGGVYWEGIDEPLAPGVTITSWKNKEWRPQDE
EPCAHPNSRFCTPASQCPIIDPAWESPEGVPIEGIIFGGRRPAGVPLVYEALSWQHGVFVGAAMRSEATAAAEHKGKVIM
HDPFAMRPFFGYNFGKYLAHWLSMAHRPAAKLPKIFHVNWFRKDKNGKFLWPGFGENSRVLEWMFGRIEGEDSAKLTPIG
YVPKEDALNLKGLGDVNVEELFGISKEFWEKEVEEIDKYLEDQVNADLPYEIERELRALKQRISQM
;
_entity_poly.pdbx_strand_id   A
#
loop_
_chem_comp.id
_chem_comp.type
_chem_comp.name
_chem_comp.formula
EDO non-polymer 1,2-ETHANEDIOL 'C2 H6 O2'
#
# COMPACT_ATOMS: atom_id res chain seq x y z
N PRO A 3 11.49 -17.06 41.04
CA PRO A 3 11.33 -15.59 41.00
C PRO A 3 9.88 -15.08 41.05
N GLN A 4 8.95 -15.81 41.69
CA GLN A 4 7.50 -15.49 41.74
C GLN A 4 6.89 -15.99 43.05
N LEU A 5 5.77 -15.43 43.46
CA LEU A 5 5.11 -15.87 44.73
C LEU A 5 3.97 -16.88 44.41
N HIS A 6 3.54 -16.86 43.16
CA HIS A 6 2.57 -17.83 42.67
C HIS A 6 3.15 -18.43 41.38
N ASN A 7 2.69 -17.89 40.26
CA ASN A 7 2.86 -18.43 38.91
C ASN A 7 3.62 -17.42 38.02
N GLY A 8 3.96 -16.26 38.60
CA GLY A 8 4.34 -15.07 37.83
C GLY A 8 3.29 -14.68 36.79
N LEU A 9 3.80 -14.00 35.78
CA LEU A 9 3.06 -13.86 34.56
C LEU A 9 3.55 -14.95 33.59
N ASP A 10 3.83 -16.17 34.13
CA ASP A 10 4.30 -17.32 33.32
C ASP A 10 3.12 -17.98 32.62
N PHE A 11 3.07 -17.84 31.30
CA PHE A 11 1.96 -18.38 30.54
C PHE A 11 2.40 -19.68 29.83
N SER A 12 3.46 -20.35 30.29
CA SER A 12 3.99 -21.59 29.67
C SER A 12 2.89 -22.66 29.49
N ALA A 13 1.92 -22.73 30.42
CA ALA A 13 0.92 -23.80 30.39
C ALA A 13 0.00 -23.66 29.19
N LYS A 14 -0.08 -22.46 28.60
CA LYS A 14 -1.01 -22.18 27.51
C LYS A 14 -0.30 -22.29 26.15
N VAL A 15 1.01 -22.50 26.13
CA VAL A 15 1.79 -22.48 24.89
C VAL A 15 1.63 -23.81 24.14
N ILE A 16 1.05 -23.75 22.96
CA ILE A 16 0.69 -24.96 22.19
C ILE A 16 1.63 -25.13 21.01
N GLN A 17 2.46 -24.11 20.75
CA GLN A 17 3.57 -24.27 19.84
C GLN A 17 4.68 -23.32 20.26
N GLY A 18 5.89 -23.91 20.28
CA GLY A 18 7.12 -23.22 20.58
C GLY A 18 7.40 -23.17 22.06
N SER A 19 8.28 -22.26 22.42
CA SER A 19 8.73 -22.14 23.76
C SER A 19 8.96 -20.67 24.12
N LEU A 20 8.43 -20.26 25.26
CA LEU A 20 8.63 -18.91 25.75
C LEU A 20 10.09 -18.77 26.21
N ASP A 21 10.68 -19.84 26.70
CA ASP A 21 12.05 -19.78 27.23
C ASP A 21 13.04 -19.47 26.12
N SER A 22 12.66 -19.75 24.87
CA SER A 22 13.50 -19.52 23.70
C SER A 22 13.36 -18.10 23.16
N LEU A 23 12.41 -17.29 23.63
CA LEU A 23 12.21 -15.93 23.07
C LEU A 23 13.26 -14.98 23.65
N PRO A 24 13.68 -13.97 22.88
CA PRO A 24 14.42 -12.89 23.54
C PRO A 24 13.61 -12.28 24.68
N GLN A 25 14.30 -11.84 25.72
CA GLN A 25 13.67 -11.38 26.92
C GLN A 25 12.60 -10.33 26.63
N GLU A 26 12.86 -9.35 25.76
CA GLU A 26 11.86 -8.29 25.59
C GLU A 26 10.67 -8.81 24.74
N VAL A 27 10.90 -9.78 23.87
CA VAL A 27 9.80 -10.36 23.12
C VAL A 27 8.91 -11.14 24.09
N ARG A 28 9.56 -11.87 25.00
CA ARG A 28 8.80 -12.63 26.00
C ARG A 28 7.96 -11.68 26.85
N LYS A 29 8.50 -10.56 27.32
CA LYS A 29 7.71 -9.63 28.15
C LYS A 29 6.52 -9.09 27.36
N PHE A 30 6.71 -8.79 26.09
CA PHE A 30 5.66 -8.30 25.23
C PHE A 30 4.53 -9.34 25.13
N VAL A 31 4.89 -10.60 24.92
CA VAL A 31 3.90 -11.67 24.79
C VAL A 31 3.11 -11.83 26.10
N GLU A 32 3.85 -12.01 27.20
CA GLU A 32 3.22 -12.36 28.49
C GLU A 32 2.43 -11.16 29.04
N GLY A 33 2.95 -9.93 28.87
CA GLY A 33 2.22 -8.76 29.32
C GLY A 33 0.87 -8.65 28.62
N ASN A 34 0.87 -8.93 27.31
CA ASN A 34 -0.35 -8.82 26.55
C ASN A 34 -1.22 -10.07 26.73
N ALA A 35 -0.66 -11.24 27.00
CA ALA A 35 -1.47 -12.41 27.38
C ALA A 35 -2.23 -12.10 28.68
N GLN A 36 -1.60 -11.46 29.63
CA GLN A 36 -2.27 -11.12 30.90
C GLN A 36 -3.45 -10.17 30.62
N LEU A 37 -3.21 -9.18 29.80
CA LEU A 37 -4.23 -8.20 29.46
C LEU A 37 -5.39 -8.85 28.71
N CYS A 38 -5.09 -9.56 27.64
CA CYS A 38 -6.09 -9.99 26.65
C CYS A 38 -6.73 -11.33 27.01
N GLN A 39 -6.03 -12.11 27.84
CA GLN A 39 -6.54 -13.38 28.39
C GLN A 39 -6.87 -14.40 27.30
N PRO A 40 -5.93 -14.64 26.37
CA PRO A 40 -6.16 -15.72 25.43
C PRO A 40 -6.23 -17.09 26.10
N GLU A 41 -6.95 -18.02 25.49
CA GLU A 41 -6.94 -19.43 25.97
C GLU A 41 -5.56 -20.06 25.71
N TYR A 42 -4.96 -19.75 24.55
CA TYR A 42 -3.72 -20.41 24.14
C TYR A 42 -2.72 -19.39 23.58
N ILE A 43 -1.44 -19.76 23.57
CA ILE A 43 -0.38 -18.98 22.90
C ILE A 43 0.28 -19.88 21.86
N HIS A 44 0.33 -19.41 20.61
CA HIS A 44 1.02 -20.12 19.53
C HIS A 44 2.16 -19.26 18.99
N ILE A 45 3.41 -19.70 19.24
CA ILE A 45 4.58 -18.94 18.75
C ILE A 45 4.88 -19.44 17.34
N CYS A 46 4.66 -18.59 16.35
CA CYS A 46 4.76 -19.03 14.96
C CYS A 46 6.21 -19.31 14.58
N ASP A 47 6.40 -20.40 13.85
CA ASP A 47 7.73 -20.73 13.35
C ASP A 47 7.90 -20.47 11.85
N GLY A 48 6.79 -20.23 11.15
CA GLY A 48 6.89 -19.83 9.76
C GLY A 48 7.04 -21.00 8.81
N SER A 49 7.04 -22.24 9.32
CA SER A 49 7.24 -23.45 8.52
C SER A 49 6.06 -23.71 7.60
N GLU A 50 6.35 -24.41 6.50
CA GLU A 50 5.30 -24.88 5.57
C GLU A 50 4.28 -25.75 6.31
N GLU A 51 4.76 -26.56 7.22
CA GLU A 51 3.88 -27.49 7.96
C GLU A 51 2.92 -26.67 8.82
N GLU A 52 3.44 -25.65 9.52
CA GLU A 52 2.58 -24.80 10.33
C GLU A 52 1.50 -24.17 9.45
N TYR A 53 1.88 -23.72 8.26
CA TYR A 53 1.00 -23.02 7.40
C TYR A 53 -0.12 -23.96 6.94
N GLY A 54 0.27 -25.15 6.53
CA GLY A 54 -0.71 -26.13 6.00
C GLY A 54 -1.70 -26.56 7.07
N ARG A 55 -1.17 -26.78 8.26
CA ARG A 55 -2.00 -27.13 9.42
C ARG A 55 -2.97 -25.97 9.74
N LEU A 56 -2.49 -24.74 9.68
CA LEU A 56 -3.29 -23.59 9.99
C LEU A 56 -4.47 -23.47 9.02
N LEU A 57 -4.17 -23.59 7.73
CA LEU A 57 -5.20 -23.50 6.71
C LEU A 57 -6.21 -24.65 6.88
N ALA A 58 -5.70 -25.87 7.11
CA ALA A 58 -6.57 -27.04 7.22
C ALA A 58 -7.54 -26.89 8.41
N HIS A 59 -7.02 -26.36 9.51
CA HIS A 59 -7.79 -26.10 10.72
C HIS A 59 -8.82 -24.99 10.50
N MET A 60 -8.43 -23.89 9.85
CA MET A 60 -9.40 -22.84 9.47
C MET A 60 -10.53 -23.43 8.61
N GLN A 61 -10.17 -24.32 7.68
CA GLN A 61 -11.15 -24.95 6.78
C GLN A 61 -12.15 -25.78 7.62
N GLU A 62 -11.61 -26.55 8.56
CA GLU A 62 -12.42 -27.40 9.44
C GLU A 62 -13.36 -26.54 10.29
N GLU A 63 -12.88 -25.39 10.78
CA GLU A 63 -13.68 -24.52 11.64
C GLU A 63 -14.65 -23.65 10.82
N GLY A 64 -14.54 -23.68 9.50
CA GLY A 64 -15.47 -22.93 8.65
C GLY A 64 -15.08 -21.47 8.46
N VAL A 65 -13.82 -21.11 8.75
CA VAL A 65 -13.35 -19.72 8.60
C VAL A 65 -12.89 -19.43 7.16
N ILE A 66 -12.35 -20.43 6.43
CA ILE A 66 -12.02 -20.28 5.00
C ILE A 66 -12.51 -21.49 4.22
N ARG A 67 -12.60 -21.31 2.91
CA ARG A 67 -12.94 -22.37 1.97
C ARG A 67 -11.71 -22.65 1.10
N LYS A 68 -11.48 -23.93 0.83
CA LYS A 68 -10.48 -24.32 -0.18
C LYS A 68 -11.10 -24.17 -1.58
N LEU A 69 -10.38 -23.54 -2.53
CA LEU A 69 -10.88 -23.42 -3.91
C LEU A 69 -10.31 -24.61 -4.69
N LYS A 70 -11.20 -25.56 -5.00
CA LYS A 70 -10.75 -26.86 -5.53
C LYS A 70 -10.18 -26.73 -6.95
N LYS A 71 -10.48 -25.67 -7.69
CA LYS A 71 -9.95 -25.51 -9.06
C LYS A 71 -8.43 -25.29 -9.09
N TYR A 72 -7.80 -24.83 -7.99
CA TYR A 72 -6.43 -24.36 -8.08
C TYR A 72 -5.57 -25.14 -7.09
N ASP A 73 -4.29 -24.91 -7.23
CA ASP A 73 -3.26 -25.50 -6.36
C ASP A 73 -3.14 -24.64 -5.11
N ASN A 74 -3.68 -25.13 -3.99
CA ASN A 74 -3.50 -24.48 -2.67
C ASN A 74 -3.98 -23.01 -2.68
N CYS A 75 -5.20 -22.74 -3.17
CA CYS A 75 -5.82 -21.42 -3.03
C CYS A 75 -7.04 -21.52 -2.14
N TRP A 76 -7.37 -20.39 -1.51
CA TRP A 76 -8.35 -20.30 -0.42
C TRP A 76 -9.17 -19.02 -0.54
N LEU A 77 -10.39 -19.10 -0.06
CA LEU A 77 -11.31 -18.01 -0.09
C LEU A 77 -11.81 -17.71 1.31
N ALA A 78 -11.66 -16.46 1.71
CA ALA A 78 -12.35 -15.93 2.90
C ALA A 78 -13.41 -14.93 2.47
N LEU A 79 -14.59 -15.01 3.09
CA LEU A 79 -15.65 -14.02 2.96
C LEU A 79 -15.86 -13.33 4.31
N THR A 80 -16.04 -12.03 4.29
CA THR A 80 -16.10 -11.26 5.52
C THR A 80 -17.53 -10.82 5.83
N ASP A 81 -17.68 -10.35 7.04
CA ASP A 81 -18.82 -9.55 7.44
C ASP A 81 -18.79 -8.29 6.56
N PRO A 82 -19.94 -7.90 6.00
CA PRO A 82 -19.98 -6.73 5.11
C PRO A 82 -19.57 -5.43 5.81
N ARG A 83 -19.59 -5.40 7.14
CA ARG A 83 -19.21 -4.18 7.87
C ARG A 83 -17.69 -4.12 8.05
N ASP A 84 -16.96 -5.16 7.65
CA ASP A 84 -15.51 -5.22 7.80
C ASP A 84 -14.89 -5.62 6.44
N VAL A 85 -14.79 -4.64 5.55
CA VAL A 85 -14.38 -4.91 4.16
C VAL A 85 -13.27 -3.96 3.71
N ALA A 86 -12.85 -3.04 4.57
CA ALA A 86 -11.87 -2.04 4.13
C ALA A 86 -11.23 -1.35 5.34
N ARG A 87 -10.25 -0.51 5.04
CA ARG A 87 -9.70 0.42 6.01
C ARG A 87 -10.80 1.40 6.37
N ILE A 88 -10.81 1.82 7.62
CA ILE A 88 -11.75 2.80 8.07
C ILE A 88 -10.95 4.03 8.52
N GLU A 89 -10.96 5.02 7.64
CA GLU A 89 -10.02 6.12 7.78
C GLU A 89 -10.30 6.87 9.09
N SER A 90 -11.58 6.97 9.39
CA SER A 90 -11.99 7.81 10.49
C SER A 90 -11.70 7.11 11.82
N LYS A 91 -11.27 5.84 11.79
CA LYS A 91 -10.96 5.10 13.03
C LYS A 91 -9.47 4.73 13.07
N THR A 92 -8.68 5.42 12.24
CA THR A 92 -7.26 5.21 12.17
C THR A 92 -6.61 6.48 12.71
N VAL A 93 -5.78 6.33 13.72
CA VAL A 93 -5.33 7.51 14.44
C VAL A 93 -3.85 7.34 14.78
N ILE A 94 -3.22 8.49 15.02
CA ILE A 94 -1.85 8.56 15.50
C ILE A 94 -1.82 9.36 16.82
N ILE A 95 -1.09 8.82 17.81
CA ILE A 95 -0.98 9.40 19.15
C ILE A 95 0.43 9.98 19.28
N THR A 96 0.44 11.28 19.54
CA THR A 96 1.65 12.04 19.90
C THR A 96 1.31 13.04 21.01
N GLN A 97 2.33 13.50 21.72
CA GLN A 97 2.19 14.48 22.77
C GLN A 97 1.50 15.71 22.20
N GLU A 98 1.96 16.19 21.04
CA GLU A 98 1.42 17.43 20.41
C GLU A 98 0.66 17.05 19.12
N GLN A 99 -0.54 17.57 18.92
CA GLN A 99 -1.31 17.33 17.70
C GLN A 99 -0.53 17.71 16.44
N ARG A 100 0.09 18.89 16.45
CA ARG A 100 0.75 19.43 15.25
C ARG A 100 1.95 18.57 14.83
N ASP A 101 2.53 17.74 15.71
CA ASP A 101 3.59 16.87 15.26
C ASP A 101 3.04 15.78 14.36
N THR A 102 1.76 15.49 14.49
CA THR A 102 1.08 14.42 13.75
C THR A 102 0.42 14.91 12.46
N VAL A 103 -0.13 16.11 12.52
CA VAL A 103 -1.00 16.63 11.45
C VAL A 103 -1.03 18.16 11.49
N PRO A 104 -1.02 18.82 10.30
CA PRO A 104 -1.21 20.26 10.33
C PRO A 104 -2.62 20.59 10.84
N ILE A 105 -2.73 21.74 11.51
CA ILE A 105 -3.99 22.15 12.06
C ILE A 105 -4.77 22.82 10.92
N PRO A 106 -5.87 22.21 10.50
CA PRO A 106 -6.55 22.72 9.33
C PRO A 106 -7.31 24.01 9.65
N LYS A 107 -7.39 24.92 8.68
CA LYS A 107 -8.05 26.23 8.92
C LYS A 107 -9.57 26.02 9.09
N SER A 108 -10.14 25.03 8.44
CA SER A 108 -11.54 24.75 8.57
C SER A 108 -11.74 23.24 8.55
N GLY A 109 -12.82 22.79 9.18
CA GLY A 109 -13.26 21.41 9.05
C GLY A 109 -12.30 20.41 9.67
N GLN A 110 -12.27 19.21 9.07
CA GLN A 110 -11.45 18.10 9.55
C GLN A 110 -10.21 17.98 8.65
N SER A 111 -9.05 17.67 9.18
CA SER A 111 -7.89 17.43 8.29
C SER A 111 -8.14 16.23 7.35
N GLN A 112 -7.65 16.35 6.13
CA GLN A 112 -7.64 15.24 5.19
C GLN A 112 -6.27 14.53 5.24
N LEU A 113 -5.34 15.00 6.06
CA LEU A 113 -3.93 14.60 5.98
C LEU A 113 -3.48 13.77 7.17
N GLY A 114 -4.35 13.52 8.12
CA GLY A 114 -4.01 12.77 9.33
C GLY A 114 -5.12 12.90 10.36
N ARG A 115 -5.04 12.11 11.42
CA ARG A 115 -6.08 12.12 12.44
C ARG A 115 -5.45 11.83 13.81
N TRP A 116 -5.29 12.87 14.61
CA TRP A 116 -4.63 12.72 15.89
C TRP A 116 -5.61 12.27 16.97
N MET A 117 -5.09 11.52 17.93
CA MET A 117 -5.81 11.26 19.15
C MET A 117 -4.85 11.54 20.30
N SER A 118 -5.35 12.20 21.36
CA SER A 118 -4.47 12.40 22.55
C SER A 118 -4.14 11.07 23.22
N GLU A 119 -3.05 11.08 23.98
CA GLU A 119 -2.68 9.94 24.79
C GLU A 119 -3.79 9.61 25.77
N GLU A 120 -4.41 10.65 26.36
CA GLU A 120 -5.46 10.46 27.35
C GLU A 120 -6.64 9.72 26.74
N ASP A 121 -7.14 10.24 25.63
CA ASP A 121 -8.28 9.61 24.92
C ASP A 121 -7.88 8.21 24.46
N PHE A 122 -6.65 8.00 24.01
CA PHE A 122 -6.26 6.67 23.55
C PHE A 122 -6.23 5.67 24.73
N GLU A 123 -5.71 6.10 25.88
CA GLU A 123 -5.68 5.19 27.07
C GLU A 123 -7.12 4.78 27.44
N LYS A 124 -8.06 5.71 27.39
CA LYS A 124 -9.46 5.36 27.73
C LYS A 124 -10.03 4.40 26.67
N ALA A 125 -9.82 4.71 25.38
CA ALA A 125 -10.25 3.80 24.31
C ALA A 125 -9.65 2.40 24.48
N PHE A 126 -8.35 2.32 24.78
CA PHE A 126 -7.65 1.06 24.95
C PHE A 126 -8.29 0.23 26.09
N ASN A 127 -8.55 0.90 27.19
CA ASN A 127 -9.07 0.18 28.36
C ASN A 127 -10.51 -0.31 28.16
N ALA A 128 -11.26 0.26 27.21
CA ALA A 128 -12.59 -0.14 26.94
C ALA A 128 -12.65 -1.32 25.97
N ARG A 129 -11.50 -1.70 25.42
CA ARG A 129 -11.48 -2.65 24.32
C ARG A 129 -10.70 -3.91 24.70
N PHE A 130 -9.43 -3.74 25.04
CA PHE A 130 -8.49 -4.89 25.05
C PHE A 130 -8.62 -5.82 26.29
N PRO A 131 -9.02 -5.31 27.48
CA PRO A 131 -9.05 -6.25 28.63
C PRO A 131 -9.98 -7.43 28.33
N GLY A 132 -9.42 -8.65 28.34
CA GLY A 132 -10.18 -9.90 28.14
C GLY A 132 -10.54 -10.20 26.71
N CYS A 133 -10.04 -9.43 25.76
CA CYS A 133 -10.58 -9.47 24.40
C CYS A 133 -10.25 -10.78 23.66
N MET A 134 -9.31 -11.59 24.15
CA MET A 134 -8.93 -12.84 23.41
C MET A 134 -9.42 -14.08 24.16
N LYS A 135 -10.27 -13.90 25.14
CA LYS A 135 -10.86 -15.03 25.89
C LYS A 135 -11.37 -16.09 24.91
N GLY A 136 -10.93 -17.33 25.13
CA GLY A 136 -11.42 -18.44 24.33
C GLY A 136 -10.63 -18.65 23.04
N ARG A 137 -9.71 -17.75 22.73
CA ARG A 137 -9.04 -17.75 21.44
C ARG A 137 -7.54 -18.02 21.58
N THR A 138 -6.89 -18.30 20.46
CA THR A 138 -5.42 -18.40 20.45
C THR A 138 -4.79 -17.03 20.18
N MET A 139 -3.80 -16.66 20.98
CA MET A 139 -2.87 -15.56 20.66
C MET A 139 -1.67 -16.12 19.88
N TYR A 140 -1.63 -15.75 18.61
CA TYR A 140 -0.51 -16.08 17.77
C TYR A 140 0.57 -15.02 17.94
N VAL A 141 1.81 -15.45 18.01
CA VAL A 141 2.98 -14.55 18.03
C VAL A 141 3.69 -14.66 16.67
N ILE A 142 3.64 -13.58 15.89
CA ILE A 142 4.17 -13.55 14.52
C ILE A 142 5.47 -12.74 14.53
N PRO A 143 6.62 -13.42 14.50
CA PRO A 143 7.86 -12.65 14.38
C PRO A 143 8.15 -12.37 12.91
N PHE A 144 8.24 -11.09 12.51
CA PHE A 144 8.36 -10.83 11.10
C PHE A 144 9.38 -9.72 10.76
N SER A 145 10.01 -9.89 9.60
CA SER A 145 10.91 -8.89 9.03
C SER A 145 10.22 -8.15 7.88
N MET A 146 10.27 -6.81 7.95
CA MET A 146 9.90 -5.94 6.83
C MET A 146 11.19 -5.65 6.06
N GLY A 147 11.30 -6.29 4.92
CA GLY A 147 12.55 -6.26 4.20
C GLY A 147 13.28 -7.59 4.32
N PRO A 148 14.22 -7.84 3.41
CA PRO A 148 15.02 -9.07 3.43
C PRO A 148 15.74 -9.25 4.77
N LEU A 149 15.66 -10.44 5.35
CA LEU A 149 16.33 -10.72 6.61
C LEU A 149 17.81 -10.30 6.53
N GLY A 150 18.23 -9.48 7.48
CA GLY A 150 19.62 -8.97 7.52
C GLY A 150 19.93 -7.90 6.48
N SER A 151 18.97 -7.40 5.71
CA SER A 151 19.17 -6.15 4.96
C SER A 151 19.43 -5.01 5.96
N PRO A 152 20.37 -4.11 5.65
CA PRO A 152 20.53 -2.96 6.55
C PRO A 152 19.30 -2.04 6.60
N LEU A 153 18.44 -2.11 5.61
CA LEU A 153 17.22 -1.36 5.59
C LEU A 153 16.06 -2.15 6.22
N ALA A 154 16.27 -3.38 6.65
CA ALA A 154 15.15 -4.15 7.16
C ALA A 154 14.83 -3.73 8.61
N LYS A 155 13.58 -3.93 9.00
CA LYS A 155 13.13 -3.70 10.34
C LYS A 155 12.21 -4.86 10.77
N ILE A 156 12.27 -5.17 12.06
CA ILE A 156 11.59 -6.35 12.62
C ILE A 156 10.43 -5.90 13.51
N GLY A 157 9.31 -6.60 13.39
CA GLY A 157 8.18 -6.49 14.31
C GLY A 157 7.74 -7.83 14.86
N ILE A 158 7.00 -7.75 15.96
CA ILE A 158 6.24 -8.87 16.51
C ILE A 158 4.76 -8.49 16.52
N GLU A 159 3.94 -9.27 15.80
CA GLU A 159 2.54 -9.04 15.82
C GLU A 159 1.88 -10.16 16.63
N LEU A 160 1.15 -9.72 17.63
CA LEU A 160 0.22 -10.57 18.38
C LEU A 160 -1.17 -10.41 17.78
N THR A 161 -1.80 -11.52 17.45
CA THR A 161 -3.12 -11.51 16.87
C THR A 161 -3.94 -12.72 17.38
N ASP A 162 -5.25 -12.54 17.41
CA ASP A 162 -6.15 -13.66 17.66
C ASP A 162 -6.69 -14.27 16.39
N SER A 163 -6.17 -13.85 15.22
CA SER A 163 -6.81 -14.25 13.95
C SER A 163 -5.86 -15.16 13.16
N PRO A 164 -6.27 -16.40 12.91
CA PRO A 164 -5.37 -17.24 12.05
C PRO A 164 -5.34 -16.77 10.59
N TYR A 165 -6.38 -16.09 10.15
CA TYR A 165 -6.38 -15.49 8.83
C TYR A 165 -5.19 -14.52 8.74
N VAL A 166 -4.98 -13.77 9.81
CA VAL A 166 -3.92 -12.78 9.84
C VAL A 166 -2.59 -13.52 9.79
N VAL A 167 -2.44 -14.63 10.52
CA VAL A 167 -1.20 -15.39 10.53
C VAL A 167 -0.89 -15.84 9.10
N ALA A 168 -1.90 -16.40 8.45
CA ALA A 168 -1.64 -16.96 7.11
C ALA A 168 -1.26 -15.84 6.15
N SER A 169 -2.03 -14.74 6.19
CA SER A 169 -1.77 -13.60 5.30
C SER A 169 -0.40 -12.96 5.58
N MET A 170 0.00 -12.89 6.85
CA MET A 170 1.29 -12.34 7.24
C MET A 170 2.42 -13.27 6.77
N ARG A 171 2.19 -14.58 6.66
CA ARG A 171 3.21 -15.49 6.16
C ARG A 171 3.56 -15.15 4.69
N ILE A 172 2.56 -14.78 3.92
CA ILE A 172 2.70 -14.39 2.53
C ILE A 172 3.32 -13.00 2.42
N MET A 173 2.88 -12.08 3.26
CA MET A 173 3.11 -10.67 2.99
C MET A 173 4.37 -10.15 3.68
N THR A 174 4.88 -10.91 4.63
CA THR A 174 6.13 -10.58 5.36
C THR A 174 7.05 -11.80 5.38
N ARG A 175 8.29 -11.64 5.82
CA ARG A 175 9.10 -12.80 6.15
C ARG A 175 8.83 -13.15 7.61
N MET A 176 8.37 -14.36 7.94
CA MET A 176 8.04 -14.59 9.33
C MET A 176 8.46 -16.00 9.79
N GLY A 177 8.81 -16.06 11.07
CA GLY A 177 9.10 -17.33 11.69
C GLY A 177 10.35 -17.28 12.54
N THR A 178 10.85 -18.47 12.84
CA THR A 178 11.91 -18.60 13.82
C THR A 178 13.17 -17.83 13.38
N SER A 179 13.53 -17.86 12.09
CA SER A 179 14.75 -17.19 11.59
C SER A 179 14.72 -15.70 11.95
N VAL A 180 13.53 -15.08 12.03
CA VAL A 180 13.39 -13.63 12.40
C VAL A 180 13.76 -13.41 13.87
N LEU A 181 13.29 -14.30 14.76
CA LEU A 181 13.71 -14.23 16.16
C LEU A 181 15.23 -14.35 16.31
N GLU A 182 15.84 -15.25 15.54
CA GLU A 182 17.31 -15.44 15.56
C GLU A 182 18.02 -14.18 15.07
N ALA A 183 17.51 -13.54 14.01
CA ALA A 183 18.11 -12.27 13.53
C ALA A 183 17.83 -11.13 14.53
N LEU A 184 16.69 -11.17 15.22
CA LEU A 184 16.36 -10.04 16.11
C LEU A 184 17.33 -10.00 17.29
N GLY A 185 17.50 -11.17 17.90
CA GLY A 185 18.15 -11.28 19.20
C GLY A 185 17.57 -10.30 20.19
N ASP A 186 18.43 -9.54 20.86
CA ASP A 186 17.99 -8.56 21.86
C ASP A 186 17.78 -7.16 21.29
N GLY A 187 17.60 -7.05 19.97
CA GLY A 187 17.39 -5.79 19.31
C GLY A 187 15.98 -5.24 19.47
N GLU A 188 15.83 -4.00 19.00
CA GLU A 188 14.55 -3.26 18.99
C GLU A 188 13.58 -3.90 17.98
N PHE A 189 12.31 -3.90 18.32
CA PHE A 189 11.30 -4.32 17.35
C PHE A 189 10.06 -3.43 17.47
N ILE A 190 9.25 -3.43 16.42
CA ILE A 190 7.97 -2.74 16.49
C ILE A 190 6.92 -3.66 17.12
N LYS A 191 6.35 -3.21 18.20
CA LYS A 191 5.30 -3.93 18.92
C LYS A 191 3.94 -3.75 18.21
N CYS A 192 3.36 -4.84 17.76
CA CYS A 192 2.15 -4.84 16.99
C CYS A 192 1.13 -5.72 17.70
N LEU A 193 0.07 -5.10 18.23
CA LEU A 193 -1.01 -5.80 18.98
C LEU A 193 -2.31 -5.70 18.19
N HIS A 194 -2.90 -6.83 17.85
CA HIS A 194 -4.15 -6.89 17.10
C HIS A 194 -5.15 -7.83 17.78
N SER A 195 -6.41 -7.47 17.82
CA SER A 195 -7.50 -8.40 18.19
C SER A 195 -8.75 -8.09 17.36
N VAL A 196 -9.45 -9.13 16.96
CA VAL A 196 -10.69 -8.96 16.28
C VAL A 196 -11.78 -8.42 17.23
N GLY A 197 -11.54 -8.42 18.55
CA GLY A 197 -12.44 -7.78 19.52
C GLY A 197 -13.71 -8.59 19.75
N CYS A 198 -13.62 -9.92 19.66
CA CYS A 198 -14.78 -10.80 19.89
C CYS A 198 -14.43 -11.90 20.88
N PRO A 199 -14.24 -11.54 22.14
CA PRO A 199 -14.07 -12.66 23.13
C PRO A 199 -15.25 -13.66 23.16
N LEU A 200 -14.91 -14.91 23.47
CA LEU A 200 -15.92 -16.00 23.63
C LEU A 200 -16.29 -15.99 25.12
N PRO A 201 -17.56 -16.19 25.42
CA PRO A 201 -18.61 -16.50 24.46
C PRO A 201 -19.11 -15.24 23.71
N LEU A 202 -19.45 -15.43 22.44
CA LEU A 202 -19.92 -14.33 21.59
C LEU A 202 -21.15 -13.67 22.24
N LYS A 203 -21.15 -12.34 22.21
CA LYS A 203 -22.25 -11.52 22.70
C LYS A 203 -23.24 -11.22 21.55
N LYS A 204 -22.76 -11.23 20.30
CA LYS A 204 -23.65 -11.08 19.12
C LYS A 204 -23.32 -12.20 18.14
N PRO A 205 -24.26 -12.57 17.25
CA PRO A 205 -23.95 -13.68 16.35
C PRO A 205 -22.94 -13.24 15.28
N LEU A 206 -22.26 -14.20 14.70
CA LEU A 206 -21.25 -13.96 13.68
C LEU A 206 -21.96 -13.77 12.34
N VAL A 207 -21.42 -12.91 11.49
CA VAL A 207 -21.89 -12.77 10.12
C VAL A 207 -20.80 -13.35 9.22
N ASN A 208 -21.15 -14.35 8.41
CA ASN A 208 -20.24 -15.04 7.48
C ASN A 208 -19.05 -15.65 8.22
N ASN A 209 -19.25 -16.14 9.43
CA ASN A 209 -18.21 -16.81 10.22
C ASN A 209 -16.97 -15.92 10.31
N TRP A 210 -17.20 -14.59 10.36
CA TRP A 210 -16.12 -13.60 10.34
C TRP A 210 -16.16 -12.76 11.62
N ALA A 211 -15.23 -12.98 12.55
CA ALA A 211 -15.24 -12.25 13.85
C ALA A 211 -14.70 -10.83 13.65
N CYS A 212 -15.51 -9.85 14.06
CA CYS A 212 -15.10 -8.45 14.04
C CYS A 212 -15.97 -7.65 15.03
N ASN A 213 -15.55 -6.44 15.30
CA ASN A 213 -16.28 -5.54 16.21
C ASN A 213 -16.33 -4.17 15.55
N PRO A 214 -17.23 -3.99 14.61
CA PRO A 214 -17.23 -2.72 13.83
C PRO A 214 -17.37 -1.48 14.71
N GLU A 215 -18.23 -1.55 15.72
CA GLU A 215 -18.53 -0.43 16.63
C GLU A 215 -17.26 0.05 17.34
N LEU A 216 -16.40 -0.87 17.74
CA LEU A 216 -15.23 -0.54 18.54
C LEU A 216 -13.96 -0.54 17.67
N THR A 217 -14.07 -0.53 16.35
CA THR A 217 -12.84 -0.64 15.54
C THR A 217 -11.98 0.59 15.76
N LEU A 218 -10.70 0.36 16.00
CA LEU A 218 -9.74 1.44 16.21
C LEU A 218 -8.32 0.96 15.86
N ILE A 219 -7.66 1.69 14.96
CA ILE A 219 -6.35 1.36 14.44
C ILE A 219 -5.40 2.48 14.87
N ALA A 220 -4.61 2.22 15.90
CA ALA A 220 -3.83 3.27 16.51
C ALA A 220 -2.34 3.02 16.35
N HIS A 221 -1.63 4.16 16.24
CA HIS A 221 -0.21 4.19 16.07
C HIS A 221 0.43 5.10 17.12
N LEU A 222 1.48 4.62 17.79
CA LEU A 222 2.20 5.38 18.77
C LEU A 222 3.68 5.38 18.39
N PRO A 223 4.06 6.29 17.50
CA PRO A 223 5.40 6.11 16.88
C PRO A 223 6.54 6.24 17.90
N ASP A 224 6.36 7.07 18.89
CA ASP A 224 7.39 7.29 19.89
C ASP A 224 7.63 6.06 20.76
N ARG A 225 6.59 5.25 20.93
CA ARG A 225 6.60 3.99 21.70
C ARG A 225 6.87 2.79 20.77
N ARG A 226 6.98 3.03 19.46
CA ARG A 226 7.11 1.98 18.43
C ARG A 226 6.00 0.92 18.63
N GLU A 227 4.75 1.36 18.75
CA GLU A 227 3.64 0.48 18.95
C GLU A 227 2.59 0.73 17.87
N ILE A 228 1.98 -0.34 17.42
CA ILE A 228 0.76 -0.28 16.62
C ILE A 228 -0.28 -1.13 17.35
N ILE A 229 -1.50 -0.60 17.52
CA ILE A 229 -2.48 -1.25 18.38
C ILE A 229 -3.82 -1.17 17.64
N SER A 230 -4.27 -2.33 17.19
CA SER A 230 -5.42 -2.38 16.32
C SER A 230 -6.50 -3.32 16.87
N PHE A 231 -7.74 -2.84 16.85
CA PHE A 231 -8.83 -3.55 17.47
C PHE A 231 -10.08 -3.52 16.58
N GLY A 232 -10.71 -4.70 16.46
CA GLY A 232 -12.09 -4.84 15.99
C GLY A 232 -12.24 -5.15 14.51
N SER A 233 -11.17 -5.07 13.72
CA SER A 233 -11.26 -5.41 12.30
C SER A 233 -10.27 -6.51 11.95
N GLY A 234 -10.71 -7.46 11.13
CA GLY A 234 -9.81 -8.51 10.66
C GLY A 234 -9.32 -8.27 9.24
N TYR A 235 -9.72 -7.15 8.67
CA TYR A 235 -9.46 -6.91 7.29
C TYR A 235 -8.12 -6.21 7.02
N GLY A 236 -7.38 -6.74 6.03
CA GLY A 236 -6.39 -6.04 5.26
C GLY A 236 -5.48 -5.14 6.08
N GLY A 237 -5.51 -3.87 5.75
CA GLY A 237 -4.57 -2.89 6.35
C GLY A 237 -4.89 -2.60 7.80
N ASN A 238 -6.01 -3.08 8.30
CA ASN A 238 -6.32 -2.94 9.70
C ASN A 238 -5.69 -4.06 10.53
N SER A 239 -5.40 -5.22 9.93
CA SER A 239 -5.10 -6.40 10.67
C SER A 239 -3.68 -6.92 10.38
N LEU A 240 -3.25 -6.76 9.14
CA LEU A 240 -1.96 -7.17 8.68
C LEU A 240 -1.04 -5.99 8.95
N LEU A 241 -0.41 -5.98 10.12
CA LEU A 241 0.01 -4.71 10.63
C LEU A 241 1.34 -4.29 9.97
N GLY A 242 1.98 -5.20 9.21
CA GLY A 242 3.12 -4.85 8.38
C GLY A 242 2.75 -3.92 7.23
N LYS A 243 1.56 -4.08 6.69
CA LYS A 243 1.18 -3.65 5.32
C LYS A 243 1.05 -2.13 5.17
OH ALY A 244 -4.32 -0.49 2.93
CH ALY A 244 -3.71 -1.07 2.03
CH3 ALY A 244 -4.31 -2.35 1.51
NZ ALY A 244 -2.53 -0.67 1.47
CE ALY A 244 -1.70 0.52 1.76
CD ALY A 244 -1.08 0.75 3.18
CG ALY A 244 -1.72 0.09 4.42
CB ALY A 244 -1.09 0.53 5.77
CA ALY A 244 0.35 0.05 6.00
N ALY A 244 0.47 -1.40 6.12
C ALY A 244 0.86 0.74 7.26
O ALY A 244 1.45 1.80 7.40
N CYS A 245 0.26 0.05 8.60
CA CYS A 245 0.57 0.64 9.89
C CYS A 245 2.09 0.71 10.09
N PHE A 246 2.82 -0.36 9.77
CA PHE A 246 4.24 -0.42 9.97
C PHE A 246 4.92 0.20 8.74
N ALA A 247 4.70 -0.34 7.56
CA ALA A 247 5.64 0.03 6.47
C ALA A 247 5.39 1.45 5.94
N LEU A 248 4.25 2.11 6.22
CA LEU A 248 4.10 3.55 5.87
C LEU A 248 4.04 4.42 7.12
N ARG A 249 3.13 4.17 8.04
CA ARG A 249 2.83 5.17 9.10
C ARG A 249 3.97 5.22 10.13
N ILE A 250 4.29 4.08 10.74
CA ILE A 250 5.43 4.09 11.67
C ILE A 250 6.74 4.34 10.89
N ALA A 251 6.92 3.64 9.78
CA ALA A 251 8.16 3.72 9.07
C ALA A 251 8.42 5.17 8.58
N SER A 252 7.39 5.90 8.13
CA SER A 252 7.64 7.22 7.64
C SER A 252 8.10 8.14 8.77
N ARG A 253 7.65 7.92 10.02
CA ARG A 253 8.17 8.71 11.14
C ARG A 253 9.62 8.33 11.49
N LEU A 254 9.95 7.03 11.50
CA LEU A 254 11.32 6.54 11.71
C LEU A 254 12.29 7.09 10.63
N ALA A 255 11.85 7.06 9.38
CA ALA A 255 12.63 7.53 8.26
C ALA A 255 12.91 9.05 8.41
N LYS A 256 11.93 9.81 8.88
CA LYS A 256 12.11 11.24 9.14
C LYS A 256 13.23 11.40 10.19
N GLU A 257 13.21 10.57 11.24
CA GLU A 257 14.20 10.64 12.35
C GLU A 257 15.59 10.25 11.81
N GLU A 258 15.62 9.27 10.90
CA GLU A 258 16.86 8.50 10.65
C GLU A 258 17.45 8.82 9.28
N GLY A 259 16.82 9.68 8.49
CA GLY A 259 17.37 10.08 7.17
C GLY A 259 17.08 9.06 6.06
N TRP A 260 15.89 8.49 6.06
CA TRP A 260 15.46 7.71 4.89
C TRP A 260 14.00 8.04 4.53
N LEU A 261 13.39 7.26 3.62
CA LEU A 261 12.05 7.48 3.12
C LEU A 261 11.27 6.18 3.16
N ALA A 262 10.02 6.27 3.59
CA ALA A 262 9.06 5.20 3.48
C ALA A 262 7.83 5.72 2.72
N GLU A 263 7.58 5.12 1.59
CA GLU A 263 6.72 5.72 0.59
C GLU A 263 5.77 4.68 0.03
N HIS A 264 4.66 5.20 -0.48
CA HIS A 264 3.69 4.40 -1.18
C HIS A 264 4.03 4.32 -2.67
N MET A 265 5.08 3.58 -2.99
CA MET A 265 5.58 3.57 -4.36
C MET A 265 5.85 2.13 -4.79
N LEU A 266 5.41 1.80 -6.00
CA LEU A 266 5.93 0.61 -6.72
C LEU A 266 7.39 0.86 -7.13
N ILE A 267 8.13 -0.24 -7.36
CA ILE A 267 9.49 -0.22 -7.84
C ILE A 267 9.54 -1.19 -9.01
N LEU A 268 9.99 -0.68 -10.15
CA LEU A 268 10.16 -1.56 -11.28
C LEU A 268 11.56 -1.36 -11.87
N GLY A 269 12.02 -2.42 -12.53
CA GLY A 269 13.16 -2.31 -13.39
C GLY A 269 12.76 -2.39 -14.84
N ILE A 270 13.29 -1.46 -15.64
CA ILE A 270 12.99 -1.40 -17.05
C ILE A 270 14.29 -1.55 -17.85
N THR A 271 14.28 -2.46 -18.77
CA THR A 271 15.45 -2.72 -19.65
C THR A 271 15.07 -2.36 -21.08
N ASN A 272 15.92 -1.56 -21.73
CA ASN A 272 15.66 -1.16 -23.13
C ASN A 272 16.26 -2.25 -24.06
N PRO A 273 16.12 -2.05 -25.36
CA PRO A 273 16.59 -3.05 -26.35
C PRO A 273 18.13 -3.16 -26.44
N GLU A 274 18.83 -2.18 -25.91
CA GLU A 274 20.24 -2.17 -25.87
C GLU A 274 20.76 -2.93 -24.65
N GLY A 275 19.85 -3.37 -23.77
CA GLY A 275 20.25 -4.06 -22.55
C GLY A 275 20.55 -3.11 -21.39
N LYS A 276 20.25 -1.83 -21.53
CA LYS A 276 20.48 -0.89 -20.43
C LYS A 276 19.26 -0.97 -19.50
N LYS A 277 19.51 -1.00 -18.21
CA LYS A 277 18.44 -1.19 -17.24
C LYS A 277 18.44 -0.02 -16.25
N LYS A 278 17.23 0.40 -15.90
CA LYS A 278 17.08 1.41 -14.82
C LYS A 278 15.96 0.93 -13.89
N TYR A 279 16.03 1.37 -12.63
CA TYR A 279 14.92 1.22 -11.72
C TYR A 279 14.18 2.55 -11.55
N LEU A 280 12.83 2.47 -11.58
CA LEU A 280 11.96 3.59 -11.37
C LEU A 280 11.07 3.31 -10.18
N ALA A 281 10.71 4.35 -9.46
CA ALA A 281 9.68 4.25 -8.43
C ALA A 281 8.44 5.04 -8.85
N ALA A 282 7.25 4.63 -8.46
CA ALA A 282 6.03 5.39 -8.86
C ALA A 282 4.99 5.43 -7.74
N ALA A 283 4.53 6.63 -7.47
CA ALA A 283 3.45 6.86 -6.46
C ALA A 283 2.17 7.21 -7.20
N PHE A 284 1.26 6.25 -7.23
CA PHE A 284 -0.05 6.41 -7.83
C PHE A 284 -1.15 6.16 -6.79
N PRO A 285 -2.16 7.05 -6.73
CA PRO A 285 -3.31 6.89 -5.84
C PRO A 285 -4.04 5.58 -6.16
N SER A 286 -4.43 4.87 -5.11
CA SER A 286 -4.58 3.42 -5.16
C SER A 286 -5.70 3.03 -6.14
N ALA A 287 -5.53 1.83 -6.74
CA ALA A 287 -6.34 1.34 -7.87
C ALA A 287 -6.31 2.35 -9.03
N CYS A 288 -5.12 2.89 -9.30
CA CYS A 288 -4.79 3.67 -10.54
C CYS A 288 -3.93 2.83 -11.50
N GLY A 289 -3.56 1.62 -11.06
CA GLY A 289 -2.68 0.74 -11.81
C GLY A 289 -1.24 0.81 -11.36
N LYS A 290 -0.99 0.76 -10.04
CA LYS A 290 0.34 0.40 -9.52
C LYS A 290 0.71 -1.02 -9.99
N THR A 291 -0.12 -2.00 -9.62
CA THR A 291 0.16 -3.42 -9.97
C THR A 291 0.32 -3.54 -11.50
N ASN A 292 -0.52 -2.80 -12.23
CA ASN A 292 -0.50 -2.75 -13.69
C ASN A 292 0.87 -2.26 -14.23
N LEU A 293 1.41 -1.17 -13.69
CA LEU A 293 2.67 -0.64 -14.26
C LEU A 293 3.84 -1.54 -13.87
N ALA A 294 3.87 -1.94 -12.61
CA ALA A 294 4.94 -2.74 -12.09
C ALA A 294 4.95 -4.15 -12.72
N MET A 295 3.85 -4.61 -13.29
CA MET A 295 3.86 -5.91 -13.90
C MET A 295 3.58 -5.83 -15.40
N MET A 296 3.92 -4.70 -15.98
CA MET A 296 3.54 -4.43 -17.36
C MET A 296 4.27 -5.41 -18.26
N ASN A 297 3.55 -5.88 -19.27
CA ASN A 297 4.13 -6.46 -20.46
C ASN A 297 4.27 -5.37 -21.54
N PRO A 298 5.46 -4.83 -21.72
CA PRO A 298 5.54 -3.71 -22.65
C PRO A 298 5.22 -4.12 -24.10
N THR A 299 4.51 -3.25 -24.83
CA THR A 299 4.24 -3.52 -26.24
C THR A 299 5.43 -3.22 -27.16
N LEU A 300 6.39 -2.38 -26.77
CA LEU A 300 7.53 -2.07 -27.64
C LEU A 300 8.51 -3.26 -27.70
N PRO A 301 8.82 -3.75 -28.91
CA PRO A 301 9.76 -4.83 -29.06
C PRO A 301 11.10 -4.57 -28.36
N GLY A 302 11.57 -5.55 -27.61
CA GLY A 302 12.91 -5.48 -27.05
C GLY A 302 12.94 -4.81 -25.69
N TRP A 303 11.81 -4.27 -25.23
CA TRP A 303 11.69 -3.67 -23.86
C TRP A 303 11.24 -4.73 -22.84
N LYS A 304 11.69 -4.60 -21.60
CA LYS A 304 11.28 -5.53 -20.54
C LYS A 304 11.01 -4.74 -19.26
N VAL A 305 9.99 -5.17 -18.52
CA VAL A 305 9.72 -4.60 -17.22
C VAL A 305 9.73 -5.76 -16.22
N GLU A 306 10.41 -5.55 -15.09
CA GLU A 306 10.45 -6.52 -14.00
C GLU A 306 9.99 -5.81 -12.73
N CYS A 307 9.33 -6.53 -11.86
CA CYS A 307 8.68 -5.98 -10.66
C CYS A 307 9.58 -6.21 -9.45
N VAL A 308 9.96 -5.14 -8.74
CA VAL A 308 10.62 -5.28 -7.42
C VAL A 308 9.53 -5.23 -6.34
N GLY A 309 8.59 -4.31 -6.47
CA GLY A 309 7.42 -4.24 -5.58
C GLY A 309 6.29 -3.47 -6.22
N ASP A 310 5.05 -3.68 -5.75
CA ASP A 310 3.96 -2.96 -6.32
C ASP A 310 3.24 -2.04 -5.37
N ASP A 311 3.80 -1.77 -4.20
CA ASP A 311 3.09 -0.94 -3.22
C ASP A 311 3.95 -0.09 -2.32
N ILE A 312 4.96 -0.66 -1.64
CA ILE A 312 5.71 0.10 -0.66
C ILE A 312 7.19 0.07 -1.01
N ALA A 313 7.82 1.23 -0.81
CA ALA A 313 9.23 1.39 -1.07
C ALA A 313 9.88 2.03 0.17
N TRP A 314 10.95 1.43 0.66
CA TRP A 314 11.85 2.04 1.66
C TRP A 314 13.15 2.47 0.96
N MET A 315 13.49 3.76 1.05
CA MET A 315 14.62 4.25 0.25
C MET A 315 15.60 5.06 1.10
N LYS A 316 16.88 4.89 0.81
CA LYS A 316 17.95 5.60 1.54
C LYS A 316 19.15 5.83 0.63
N PHE A 317 19.78 7.00 0.73
CA PHE A 317 20.96 7.24 -0.07
C PHE A 317 22.11 6.35 0.42
N ASP A 318 22.80 5.70 -0.53
CA ASP A 318 24.04 4.95 -0.21
C ASP A 318 25.23 5.91 -0.19
N ALA A 319 26.41 5.34 0.02
CA ALA A 319 27.61 6.15 0.21
C ALA A 319 28.05 6.80 -1.11
N GLN A 320 27.58 6.29 -2.24
CA GLN A 320 27.96 6.83 -3.56
C GLN A 320 26.89 7.82 -4.00
N GLY A 321 25.87 8.08 -3.17
CA GLY A 321 24.82 9.06 -3.51
C GLY A 321 23.63 8.46 -4.26
N ASN A 322 23.60 7.14 -4.47
CA ASN A 322 22.42 6.58 -5.17
C ASN A 322 21.27 6.47 -4.16
N LEU A 323 20.08 6.81 -4.58
CA LEU A 323 18.86 6.57 -3.75
C LEU A 323 18.48 5.10 -3.92
N ARG A 324 18.80 4.29 -2.92
CA ARG A 324 18.56 2.84 -2.97
C ARG A 324 17.16 2.53 -2.42
N ALA A 325 16.40 1.66 -3.10
CA ALA A 325 15.07 1.28 -2.62
C ALA A 325 15.00 -0.22 -2.39
N ILE A 326 14.35 -0.63 -1.30
CA ILE A 326 13.90 -2.02 -1.18
C ILE A 326 12.37 -2.02 -1.11
N ASN A 327 11.85 -3.16 -1.54
CA ASN A 327 10.49 -3.58 -1.25
C ASN A 327 10.48 -4.29 0.13
N PRO A 328 9.87 -3.66 1.15
CA PRO A 328 9.87 -4.30 2.48
C PRO A 328 8.88 -5.46 2.65
N GLU A 329 8.05 -5.71 1.65
CA GLU A 329 7.06 -6.77 1.70
C GLU A 329 7.56 -8.03 1.00
N ASN A 330 6.78 -9.10 1.16
CA ASN A 330 7.13 -10.41 0.71
C ASN A 330 6.03 -10.96 -0.22
N GLY A 331 5.00 -10.17 -0.50
CA GLY A 331 3.85 -10.63 -1.22
C GLY A 331 3.09 -9.46 -1.79
N PHE A 332 2.13 -9.76 -2.63
CA PHE A 332 1.25 -8.74 -3.19
C PHE A 332 -0.13 -8.91 -2.54
N PHE A 333 -0.70 -7.80 -2.05
CA PHE A 333 -2.07 -7.78 -1.53
C PHE A 333 -2.88 -6.91 -2.48
N GLY A 334 -3.29 -7.48 -3.62
CA GLY A 334 -3.73 -6.67 -4.76
C GLY A 334 -5.25 -6.60 -4.84
N VAL A 335 -5.77 -5.50 -5.36
CA VAL A 335 -7.21 -5.37 -5.62
C VAL A 335 -7.57 -6.36 -6.75
N ALA A 336 -8.56 -7.22 -6.50
CA ALA A 336 -8.93 -8.29 -7.45
C ALA A 336 -9.73 -7.75 -8.65
N PRO A 337 -10.80 -7.02 -8.40
CA PRO A 337 -11.64 -6.54 -9.48
C PRO A 337 -10.82 -5.71 -10.46
N GLY A 338 -11.01 -5.95 -11.77
CA GLY A 338 -10.22 -5.28 -12.86
C GLY A 338 -9.02 -6.11 -13.31
N THR A 339 -8.64 -7.13 -12.54
CA THR A 339 -7.49 -7.94 -12.89
C THR A 339 -7.92 -8.96 -13.93
N SER A 340 -7.22 -9.01 -15.09
CA SER A 340 -7.61 -9.98 -16.18
C SER A 340 -6.41 -10.42 -16.99
N VAL A 341 -6.65 -11.45 -17.83
CA VAL A 341 -5.59 -11.92 -18.69
C VAL A 341 -5.19 -10.82 -19.68
N LYS A 342 -6.06 -9.86 -19.97
CA LYS A 342 -5.68 -8.76 -20.89
C LYS A 342 -5.04 -7.59 -20.12
N THR A 343 -5.54 -7.24 -18.96
CA THR A 343 -5.04 -6.06 -18.25
C THR A 343 -3.74 -6.41 -17.51
N ASN A 344 -3.59 -7.65 -17.07
CA ASN A 344 -2.46 -7.97 -16.21
C ASN A 344 -2.23 -9.48 -16.21
N PRO A 345 -1.78 -10.01 -17.37
CA PRO A 345 -1.54 -11.47 -17.44
C PRO A 345 -0.52 -11.95 -16.41
N ASN A 346 0.44 -11.08 -16.05
CA ASN A 346 1.43 -11.52 -15.08
C ASN A 346 0.78 -11.71 -13.71
N ALA A 347 -0.17 -10.85 -13.34
CA ALA A 347 -0.84 -10.94 -12.06
C ALA A 347 -1.68 -12.22 -12.01
N ILE A 348 -2.35 -12.50 -13.12
CA ILE A 348 -3.14 -13.74 -13.25
C ILE A 348 -2.24 -14.97 -13.08
N LYS A 349 -1.07 -15.01 -13.71
CA LYS A 349 -0.13 -16.11 -13.54
C LYS A 349 0.31 -16.23 -12.08
N THR A 350 0.51 -15.10 -11.41
CA THR A 350 1.01 -15.07 -10.05
C THR A 350 0.03 -15.78 -9.12
N ILE A 351 -1.25 -15.53 -9.30
CA ILE A 351 -2.26 -15.88 -8.30
C ILE A 351 -2.87 -17.26 -8.56
N GLN A 352 -2.32 -18.01 -9.53
CA GLN A 352 -2.80 -19.37 -9.91
C GLN A 352 -2.70 -20.35 -8.75
N LYS A 353 -1.78 -20.11 -7.83
CA LYS A 353 -1.47 -21.05 -6.77
C LYS A 353 -1.05 -20.31 -5.50
N ASN A 354 -1.20 -21.01 -4.38
CA ASN A 354 -0.69 -20.61 -3.08
C ASN A 354 -1.19 -19.21 -2.71
N THR A 355 -2.44 -18.90 -3.04
CA THR A 355 -3.00 -17.60 -2.91
C THR A 355 -4.25 -17.63 -2.04
N ILE A 356 -4.35 -16.64 -1.16
CA ILE A 356 -5.55 -16.41 -0.38
C ILE A 356 -6.34 -15.24 -0.98
N PHE A 357 -7.60 -15.51 -1.28
CA PHE A 357 -8.53 -14.53 -1.81
C PHE A 357 -9.52 -14.12 -0.72
N THR A 358 -9.89 -12.82 -0.72
CA THR A 358 -10.87 -12.31 0.27
C THR A 358 -11.99 -11.53 -0.45
N ASN A 359 -13.21 -12.05 -0.34
CA ASN A 359 -14.42 -11.28 -0.76
C ASN A 359 -14.57 -11.25 -2.29
N VAL A 360 -14.04 -12.26 -2.95
CA VAL A 360 -14.32 -12.42 -4.38
C VAL A 360 -15.47 -13.44 -4.51
N ALA A 361 -15.99 -13.55 -5.72
CA ALA A 361 -17.02 -14.53 -6.04
C ALA A 361 -16.38 -15.89 -6.30
N GLU A 362 -17.19 -16.95 -6.13
CA GLU A 362 -16.71 -18.36 -6.34
C GLU A 362 -17.57 -19.03 -7.42
N THR A 363 -16.91 -19.70 -8.37
CA THR A 363 -17.64 -20.40 -9.44
C THR A 363 -18.01 -21.78 -8.90
N SER A 364 -19.00 -22.45 -9.50
CA SER A 364 -19.41 -23.81 -9.04
C SER A 364 -18.28 -24.82 -9.26
N ASP A 365 -17.41 -24.49 -10.23
CA ASP A 365 -16.04 -25.01 -10.43
C ASP A 365 -15.06 -25.09 -9.28
N GLY A 366 -15.26 -24.26 -8.26
CA GLY A 366 -14.25 -24.01 -7.25
C GLY A 366 -13.21 -23.00 -7.73
N GLY A 367 -13.59 -22.12 -8.66
CA GLY A 367 -12.67 -21.03 -9.12
C GLY A 367 -13.10 -19.70 -8.51
N VAL A 368 -12.48 -18.58 -9.01
CA VAL A 368 -12.73 -17.25 -8.54
C VAL A 368 -13.30 -16.42 -9.68
N TYR A 369 -14.03 -15.40 -9.29
CA TYR A 369 -14.59 -14.47 -10.25
C TYR A 369 -14.73 -13.07 -9.64
N TRP A 370 -14.68 -12.07 -10.52
CA TRP A 370 -14.92 -10.71 -10.13
C TRP A 370 -15.23 -9.87 -11.36
N GLU A 371 -15.79 -8.71 -11.13
CA GLU A 371 -15.94 -7.71 -12.21
C GLU A 371 -14.59 -7.50 -12.93
N GLY A 372 -14.61 -7.58 -14.28
CA GLY A 372 -13.45 -7.17 -15.07
C GLY A 372 -12.46 -8.29 -15.27
N ILE A 373 -12.82 -9.50 -14.89
CA ILE A 373 -11.95 -10.66 -15.05
C ILE A 373 -11.81 -11.03 -16.54
N ASP A 374 -12.81 -10.63 -17.34
CA ASP A 374 -12.77 -10.83 -18.80
C ASP A 374 -12.53 -12.26 -19.21
N GLU A 375 -13.08 -13.21 -18.46
CA GLU A 375 -13.06 -14.63 -18.85
C GLU A 375 -14.50 -15.10 -18.79
N PRO A 376 -15.02 -15.56 -19.93
CA PRO A 376 -16.37 -16.10 -19.90
C PRO A 376 -16.36 -17.49 -19.24
N LEU A 377 -17.49 -17.85 -18.62
CA LEU A 377 -17.66 -19.14 -18.00
C LEU A 377 -18.48 -20.05 -18.93
N ALA A 378 -18.24 -21.34 -18.87
CA ALA A 378 -19.05 -22.32 -19.62
C ALA A 378 -20.52 -22.24 -19.19
N PRO A 379 -21.47 -22.43 -20.14
CA PRO A 379 -22.87 -22.52 -19.70
C PRO A 379 -23.02 -23.55 -18.57
N GLY A 380 -23.85 -23.17 -17.59
CA GLY A 380 -24.11 -23.99 -16.45
C GLY A 380 -23.22 -23.69 -15.27
N VAL A 381 -22.06 -23.04 -15.48
CA VAL A 381 -21.18 -22.75 -14.34
C VAL A 381 -21.78 -21.53 -13.64
N THR A 382 -22.08 -21.69 -12.35
CA THR A 382 -22.77 -20.59 -11.68
C THR A 382 -21.77 -19.82 -10.81
N ILE A 383 -22.28 -18.74 -10.24
CA ILE A 383 -21.48 -17.74 -9.44
C ILE A 383 -22.15 -17.53 -8.08
N THR A 384 -21.39 -17.81 -7.02
CA THR A 384 -21.76 -17.40 -5.67
C THR A 384 -21.01 -16.10 -5.37
N SER A 385 -21.77 -15.06 -5.03
CA SER A 385 -21.19 -13.77 -4.72
C SER A 385 -20.39 -13.88 -3.42
N TRP A 386 -19.69 -12.78 -3.14
CA TRP A 386 -18.91 -12.61 -1.92
C TRP A 386 -19.83 -12.53 -0.70
N LYS A 387 -21.13 -12.34 -0.88
CA LYS A 387 -22.12 -12.38 0.25
C LYS A 387 -22.71 -13.79 0.39
N ASN A 388 -22.14 -14.79 -0.29
CA ASN A 388 -22.55 -16.19 -0.15
C ASN A 388 -24.00 -16.38 -0.61
N LYS A 389 -24.35 -15.70 -1.72
CA LYS A 389 -25.67 -15.72 -2.37
C LYS A 389 -25.48 -16.11 -3.83
N GLU A 390 -26.48 -16.74 -4.44
CA GLU A 390 -26.46 -16.90 -5.88
C GLU A 390 -26.56 -15.54 -6.55
N TRP A 391 -25.86 -15.41 -7.67
CA TRP A 391 -25.65 -14.12 -8.32
C TRP A 391 -25.77 -14.29 -9.83
N ARG A 392 -26.48 -13.36 -10.48
CA ARG A 392 -26.53 -13.28 -11.95
C ARG A 392 -26.15 -11.84 -12.35
N PRO A 393 -25.52 -11.66 -13.53
CA PRO A 393 -25.13 -10.30 -13.92
C PRO A 393 -26.31 -9.29 -13.85
N GLN A 394 -27.54 -9.77 -14.04
CA GLN A 394 -28.72 -8.90 -14.02
C GLN A 394 -28.79 -8.10 -12.72
N ASP A 395 -28.30 -8.68 -11.61
CA ASP A 395 -28.34 -8.00 -10.32
C ASP A 395 -27.55 -6.67 -10.38
N GLU A 396 -28.04 -5.69 -9.64
CA GLU A 396 -27.40 -4.37 -9.55
C GLU A 396 -26.01 -4.51 -8.89
N GLU A 397 -25.87 -5.46 -7.98
CA GLU A 397 -24.71 -5.58 -7.11
C GLU A 397 -23.55 -6.28 -7.84
N PRO A 398 -22.31 -6.00 -7.44
CA PRO A 398 -21.16 -6.73 -8.00
C PRO A 398 -21.03 -8.12 -7.35
N CYS A 399 -20.53 -9.10 -8.10
CA CYS A 399 -20.33 -10.44 -7.56
C CYS A 399 -19.20 -10.43 -6.52
N ALA A 400 -18.26 -9.50 -6.67
CA ALA A 400 -17.10 -9.38 -5.77
C ALA A 400 -17.13 -8.02 -5.11
N HIS A 401 -16.69 -7.95 -3.85
CA HIS A 401 -16.59 -6.61 -3.23
C HIS A 401 -15.58 -5.78 -4.02
N PRO A 402 -15.87 -4.47 -4.21
CA PRO A 402 -14.94 -3.60 -4.94
C PRO A 402 -13.52 -3.53 -4.35
N ASN A 403 -13.41 -3.77 -3.05
CA ASN A 403 -12.13 -3.76 -2.32
C ASN A 403 -11.64 -5.20 -2.07
N SER A 404 -12.17 -6.19 -2.79
CA SER A 404 -11.69 -7.57 -2.65
C SER A 404 -10.24 -7.75 -3.11
N ARG A 405 -9.61 -8.78 -2.59
CA ARG A 405 -8.19 -8.88 -2.64
C ARG A 405 -7.72 -10.28 -2.95
N PHE A 406 -6.56 -10.32 -3.60
CA PHE A 406 -5.74 -11.52 -3.58
C PHE A 406 -4.53 -11.25 -2.69
N CYS A 407 -4.01 -12.31 -2.08
CA CYS A 407 -2.82 -12.25 -1.23
C CYS A 407 -1.90 -13.37 -1.69
N THR A 408 -0.78 -12.99 -2.32
CA THR A 408 -0.04 -13.93 -3.07
C THR A 408 1.46 -13.68 -2.88
N PRO A 409 2.25 -14.74 -2.90
CA PRO A 409 3.70 -14.65 -2.73
C PRO A 409 4.40 -13.91 -3.87
N ALA A 410 5.31 -13.02 -3.53
CA ALA A 410 5.91 -12.19 -4.56
C ALA A 410 6.76 -13.07 -5.48
N SER A 411 7.37 -14.12 -4.93
CA SER A 411 8.33 -14.95 -5.66
C SER A 411 7.65 -15.63 -6.86
N GLN A 412 6.31 -15.68 -6.89
CA GLN A 412 5.55 -16.37 -7.96
C GLN A 412 5.24 -15.43 -9.13
N CYS A 413 5.56 -14.16 -9.03
CA CYS A 413 5.42 -13.26 -10.14
C CYS A 413 6.41 -13.67 -11.24
N PRO A 414 5.90 -13.90 -12.46
CA PRO A 414 6.77 -14.46 -13.52
C PRO A 414 7.83 -13.44 -13.99
N ILE A 415 7.62 -12.15 -13.67
CA ILE A 415 8.63 -11.10 -13.98
C ILE A 415 9.16 -10.47 -12.68
N ILE A 416 9.23 -11.24 -11.59
CA ILE A 416 9.83 -10.69 -10.37
C ILE A 416 11.30 -10.38 -10.69
N ASP A 417 11.76 -9.20 -10.25
CA ASP A 417 13.12 -8.76 -10.61
C ASP A 417 14.11 -9.61 -9.85
N PRO A 418 15.23 -9.99 -10.50
CA PRO A 418 16.24 -10.80 -9.80
C PRO A 418 16.78 -10.10 -8.55
N ALA A 419 16.74 -8.78 -8.50
CA ALA A 419 17.26 -8.02 -7.37
C ALA A 419 16.14 -7.70 -6.36
N TRP A 420 14.96 -8.31 -6.42
CA TRP A 420 13.80 -7.83 -5.61
C TRP A 420 14.06 -8.07 -4.11
N GLU A 421 14.96 -8.99 -3.76
CA GLU A 421 15.38 -9.22 -2.37
C GLU A 421 16.83 -8.80 -2.10
N SER A 422 17.48 -8.10 -3.02
CA SER A 422 18.87 -7.74 -2.74
C SER A 422 18.94 -6.80 -1.55
N PRO A 423 19.81 -7.10 -0.58
CA PRO A 423 19.74 -6.39 0.69
C PRO A 423 20.13 -4.91 0.56
N GLU A 424 20.92 -4.54 -0.45
CA GLU A 424 21.41 -3.15 -0.54
C GLU A 424 20.37 -2.31 -1.30
N GLY A 425 19.35 -2.96 -1.88
CA GLY A 425 18.35 -2.23 -2.62
C GLY A 425 18.80 -1.85 -4.03
N VAL A 426 17.86 -1.30 -4.77
CA VAL A 426 18.09 -0.95 -6.18
C VAL A 426 18.12 0.58 -6.32
N PRO A 427 19.03 1.05 -7.20
CA PRO A 427 19.30 2.46 -7.45
C PRO A 427 18.18 3.13 -8.29
N ILE A 428 17.41 4.02 -7.64
CA ILE A 428 16.29 4.70 -8.30
C ILE A 428 16.81 5.89 -9.11
N GLU A 429 16.48 5.88 -10.40
CA GLU A 429 16.91 6.94 -11.31
C GLU A 429 15.74 7.84 -11.72
N GLY A 430 14.53 7.37 -11.49
CA GLY A 430 13.33 8.18 -11.75
C GLY A 430 12.21 7.89 -10.75
N ILE A 431 11.53 8.97 -10.39
CA ILE A 431 10.36 8.92 -9.51
C ILE A 431 9.18 9.47 -10.33
N ILE A 432 8.13 8.67 -10.39
CA ILE A 432 6.96 9.04 -11.19
C ILE A 432 5.75 9.28 -10.28
N PHE A 433 5.13 10.45 -10.40
CA PHE A 433 3.87 10.73 -9.74
C PHE A 433 2.74 10.61 -10.75
N GLY A 434 1.56 10.23 -10.31
CA GLY A 434 0.45 10.11 -11.25
C GLY A 434 -0.88 10.46 -10.63
N GLY A 435 -1.86 10.69 -11.47
CA GLY A 435 -3.21 10.66 -11.04
C GLY A 435 -4.11 10.28 -12.21
N ARG A 436 -5.35 9.99 -11.89
CA ARG A 436 -6.33 9.88 -12.96
C ARG A 436 -7.04 11.22 -13.11
N ARG A 437 -6.85 11.86 -14.25
CA ARG A 437 -7.37 13.21 -14.48
C ARG A 437 -8.01 13.24 -15.87
N PRO A 438 -9.36 13.28 -15.92
CA PRO A 438 -10.01 13.24 -17.24
C PRO A 438 -9.77 14.52 -18.05
N ALA A 439 -9.42 15.63 -17.37
CA ALA A 439 -9.27 16.94 -18.04
C ALA A 439 -7.92 17.55 -17.67
N GLY A 440 -7.34 18.29 -18.58
CA GLY A 440 -6.41 19.32 -18.28
C GLY A 440 -4.97 18.87 -18.21
N VAL A 441 -4.73 17.64 -17.72
CA VAL A 441 -3.38 17.22 -17.36
C VAL A 441 -2.82 16.30 -18.46
N PRO A 442 -1.71 16.67 -19.06
CA PRO A 442 -1.29 15.82 -20.20
C PRO A 442 -0.69 14.45 -19.82
N LEU A 443 -0.35 13.67 -20.84
CA LEU A 443 0.08 12.29 -20.71
C LEU A 443 1.32 12.18 -19.82
N VAL A 444 2.30 13.03 -20.03
CA VAL A 444 3.52 12.98 -19.24
C VAL A 444 4.20 14.35 -19.21
N TYR A 445 4.71 14.72 -18.05
CA TYR A 445 5.61 15.86 -17.98
C TYR A 445 6.69 15.58 -16.93
N GLU A 446 7.74 16.40 -17.01
CA GLU A 446 8.96 16.23 -16.22
C GLU A 446 9.19 17.51 -15.41
N ALA A 447 9.58 17.33 -14.16
CA ALA A 447 9.78 18.43 -13.22
C ALA A 447 10.98 19.29 -13.66
N LEU A 448 10.96 20.57 -13.26
CA LEU A 448 11.96 21.51 -13.73
C LEU A 448 13.19 21.45 -12.81
N SER A 449 13.02 20.87 -11.63
CA SER A 449 13.99 20.91 -10.53
C SER A 449 13.52 19.95 -9.44
N TRP A 450 14.39 19.61 -8.50
CA TRP A 450 13.99 18.81 -7.36
C TRP A 450 12.82 19.48 -6.60
N GLN A 451 12.95 20.78 -6.39
CA GLN A 451 11.96 21.53 -5.60
C GLN A 451 10.62 21.54 -6.34
N HIS A 452 10.65 21.77 -7.64
CA HIS A 452 9.44 21.66 -8.47
C HIS A 452 8.84 20.23 -8.39
N GLY A 453 9.68 19.20 -8.47
CA GLY A 453 9.30 17.80 -8.37
C GLY A 453 8.61 17.48 -7.06
N VAL A 454 9.06 18.07 -5.97
CA VAL A 454 8.39 17.88 -4.68
C VAL A 454 7.03 18.57 -4.69
N PHE A 455 6.94 19.77 -5.26
CA PHE A 455 5.65 20.45 -5.39
C PHE A 455 4.68 19.61 -6.26
N VAL A 456 5.23 19.00 -7.32
CA VAL A 456 4.38 18.15 -8.19
C VAL A 456 3.77 17.01 -7.35
N GLY A 457 4.59 16.38 -6.53
CA GLY A 457 4.08 15.39 -5.67
C GLY A 457 3.09 15.92 -4.66
N ALA A 458 3.36 17.10 -4.12
CA ALA A 458 2.52 17.66 -3.07
C ALA A 458 1.13 18.07 -3.63
N ALA A 459 1.05 18.39 -4.91
CA ALA A 459 -0.16 18.93 -5.51
C ALA A 459 -0.98 17.83 -6.20
N MET A 460 -0.52 16.59 -6.19
CA MET A 460 -1.18 15.43 -6.87
C MET A 460 -2.67 15.41 -6.54
N ARG A 461 -3.51 15.27 -7.56
CA ARG A 461 -4.89 14.94 -7.36
C ARG A 461 -5.26 13.79 -8.27
N SER A 462 -6.34 13.11 -7.93
CA SER A 462 -6.79 11.98 -8.71
C SER A 462 -8.29 11.75 -8.51
N GLU A 463 -8.90 11.27 -9.58
CA GLU A 463 -10.28 10.76 -9.59
C GLU A 463 -10.31 9.43 -8.85
N ALA A 464 -10.99 9.36 -7.72
CA ALA A 464 -11.09 8.13 -6.95
C ALA A 464 -12.54 7.64 -6.96
N THR A 465 -12.76 6.33 -6.96
CA THR A 465 -14.12 5.82 -6.84
C THR A 465 -14.60 6.10 -5.42
N ALA A 466 -15.66 6.88 -5.36
CA ALA A 466 -16.32 7.24 -4.13
C ALA A 466 -16.68 5.98 -3.35
N ALA A 467 -16.47 5.98 -2.05
CA ALA A 467 -16.61 4.75 -1.33
C ALA A 467 -17.74 4.89 -0.31
N ALA A 468 -17.38 4.79 0.96
CA ALA A 468 -18.26 5.01 2.10
C ALA A 468 -18.08 6.45 2.60
N GLU A 469 -17.25 7.24 1.89
CA GLU A 469 -17.10 8.69 2.11
C GLU A 469 -17.73 9.51 0.96
N HIS A 470 -17.95 8.93 -0.23
CA HIS A 470 -18.42 9.69 -1.43
C HIS A 470 -19.30 8.77 -2.31
N LYS A 471 -20.25 9.29 -3.12
CA LYS A 471 -20.97 8.46 -4.19
C LYS A 471 -20.40 8.82 -5.59
N GLY A 472 -20.08 7.82 -6.45
CA GLY A 472 -19.56 8.08 -7.84
C GLY A 472 -18.05 8.36 -7.88
N LYS A 473 -17.51 9.00 -8.92
CA LYS A 473 -16.07 9.35 -8.92
C LYS A 473 -15.91 10.71 -8.25
N VAL A 474 -14.82 10.90 -7.50
CA VAL A 474 -14.55 12.19 -6.90
C VAL A 474 -13.08 12.56 -7.16
N ILE A 475 -12.79 13.84 -7.40
CA ILE A 475 -11.39 14.22 -7.56
C ILE A 475 -10.90 14.73 -6.19
N MET A 476 -9.83 14.12 -5.70
CA MET A 476 -9.33 14.35 -4.35
C MET A 476 -7.82 14.63 -4.43
N HIS A 477 -7.33 15.48 -3.53
CA HIS A 477 -5.90 15.64 -3.34
C HIS A 477 -5.33 14.36 -2.72
N ASP A 478 -4.22 13.85 -3.23
CA ASP A 478 -3.56 12.65 -2.62
C ASP A 478 -2.05 12.82 -2.76
N PRO A 479 -1.50 13.70 -1.93
CA PRO A 479 -0.12 14.05 -2.11
C PRO A 479 0.79 12.83 -1.91
N PHE A 480 1.68 12.58 -2.89
CA PHE A 480 2.66 11.49 -2.87
C PHE A 480 1.96 10.12 -2.75
N ALA A 481 0.68 10.07 -3.10
CA ALA A 481 -0.19 8.87 -2.92
C ALA A 481 -0.17 8.43 -1.46
N MET A 482 -0.01 9.41 -0.59
CA MET A 482 0.25 9.09 0.83
C MET A 482 -0.81 9.65 1.79
N ARG A 483 -1.88 10.21 1.26
CA ARG A 483 -2.82 11.02 2.06
C ARG A 483 -3.29 10.32 3.36
N PRO A 484 -3.69 9.05 3.28
CA PRO A 484 -4.13 8.31 4.46
C PRO A 484 -2.99 7.74 5.32
N PHE A 485 -1.74 8.00 4.96
CA PHE A 485 -0.63 7.18 5.45
C PHE A 485 0.48 8.01 6.13
N PHE A 486 0.43 9.32 6.12
CA PHE A 486 1.46 10.11 6.74
C PHE A 486 1.64 9.73 8.21
N GLY A 487 2.88 9.46 8.61
CA GLY A 487 3.17 9.16 10.02
C GLY A 487 3.37 10.39 10.89
N TYR A 488 3.30 11.57 10.30
CA TYR A 488 3.57 12.82 10.97
C TYR A 488 3.11 13.96 10.08
N ASN A 489 3.26 15.16 10.58
CA ASN A 489 2.80 16.40 9.92
C ASN A 489 3.30 16.45 8.47
N PHE A 490 2.33 16.56 7.54
CA PHE A 490 2.59 16.55 6.11
C PHE A 490 3.56 17.66 5.72
N GLY A 491 3.45 18.85 6.30
CA GLY A 491 4.37 19.96 5.98
C GLY A 491 5.83 19.61 6.29
N LYS A 492 6.05 18.91 7.41
CA LYS A 492 7.41 18.45 7.78
C LYS A 492 7.92 17.36 6.83
N TYR A 493 6.99 16.52 6.37
CA TYR A 493 7.28 15.52 5.36
C TYR A 493 7.76 16.16 4.06
N LEU A 494 7.11 17.21 3.64
CA LEU A 494 7.59 17.94 2.45
C LEU A 494 8.98 18.51 2.73
N ALA A 495 9.17 19.10 3.92
CA ALA A 495 10.52 19.62 4.30
C ALA A 495 11.58 18.50 4.23
N HIS A 496 11.23 17.30 4.67
CA HIS A 496 12.15 16.19 4.63
C HIS A 496 12.51 15.87 3.18
N TRP A 497 11.51 15.80 2.29
CA TRP A 497 11.80 15.57 0.85
C TRP A 497 12.69 16.68 0.28
N LEU A 498 12.38 17.91 0.62
CA LEU A 498 13.09 19.05 0.04
C LEU A 498 14.56 18.99 0.48
N SER A 499 14.82 18.50 1.68
CA SER A 499 16.19 18.45 2.22
C SER A 499 17.11 17.47 1.45
N MET A 500 16.54 16.60 0.63
CA MET A 500 17.34 15.67 -0.09
C MET A 500 18.26 16.36 -1.09
N ALA A 501 17.84 17.51 -1.57
CA ALA A 501 18.58 18.31 -2.54
C ALA A 501 19.88 18.85 -1.94
N HIS A 502 19.94 18.91 -0.62
CA HIS A 502 21.09 19.44 0.09
C HIS A 502 22.10 18.35 0.45
N ARG A 503 21.81 17.08 0.19
CA ARG A 503 22.78 16.05 0.53
C ARG A 503 23.92 16.07 -0.51
N PRO A 504 25.18 16.28 -0.06
CA PRO A 504 26.28 16.37 -1.02
C PRO A 504 26.38 15.09 -1.87
N ALA A 505 26.61 15.26 -3.17
CA ALA A 505 26.89 14.16 -4.13
C ALA A 505 25.66 13.22 -4.29
N ALA A 506 24.49 13.61 -3.79
CA ALA A 506 23.25 12.85 -4.04
C ALA A 506 22.97 12.73 -5.53
N LYS A 507 22.57 11.54 -5.95
CA LYS A 507 22.18 11.32 -7.35
C LYS A 507 20.64 11.41 -7.34
N LEU A 508 20.14 12.62 -7.52
CA LEU A 508 18.72 12.84 -7.36
C LEU A 508 17.96 12.26 -8.56
N PRO A 509 16.91 11.47 -8.29
CA PRO A 509 16.19 10.93 -9.44
C PRO A 509 15.50 12.04 -10.23
N LYS A 510 15.34 11.85 -11.54
CA LYS A 510 14.45 12.68 -12.31
C LYS A 510 13.03 12.47 -11.78
N ILE A 511 12.23 13.51 -11.76
CA ILE A 511 10.85 13.38 -11.35
C ILE A 511 9.91 13.65 -12.54
N PHE A 512 8.92 12.77 -12.66
CA PHE A 512 7.89 12.88 -13.70
C PHE A 512 6.47 12.82 -13.12
N HIS A 513 5.48 13.30 -13.89
CA HIS A 513 4.09 13.07 -13.61
C HIS A 513 3.43 12.45 -14.85
N VAL A 514 2.54 11.50 -14.62
CA VAL A 514 1.82 10.87 -15.74
C VAL A 514 0.32 10.88 -15.48
N ASN A 515 -0.40 10.76 -16.60
CA ASN A 515 -1.85 10.70 -16.61
C ASN A 515 -2.27 9.81 -17.79
N TRP A 516 -2.64 8.58 -17.45
CA TRP A 516 -3.13 7.65 -18.44
C TRP A 516 -4.59 7.93 -18.82
N PHE A 517 -5.29 8.85 -18.16
CA PHE A 517 -6.78 8.81 -18.23
C PHE A 517 -7.38 10.11 -18.76
N ARG A 518 -6.64 10.92 -19.50
CA ARG A 518 -7.23 12.13 -20.05
C ARG A 518 -8.27 11.74 -21.10
N LYS A 519 -9.39 12.48 -21.10
CA LYS A 519 -10.45 12.27 -22.10
C LYS A 519 -10.56 13.46 -23.05
N ASP A 520 -11.07 13.20 -24.25
CA ASP A 520 -11.27 14.26 -25.25
C ASP A 520 -12.66 14.90 -25.09
N LYS A 521 -12.94 15.84 -25.98
CA LYS A 521 -14.10 16.72 -25.88
C LYS A 521 -15.41 15.92 -25.82
N ASN A 522 -15.49 14.68 -26.28
CA ASN A 522 -16.76 13.99 -26.08
C ASN A 522 -16.55 12.68 -25.33
N GLY A 523 -15.62 12.69 -24.36
CA GLY A 523 -15.67 11.71 -23.25
C GLY A 523 -14.85 10.45 -23.47
N LYS A 524 -14.09 10.31 -24.55
CA LYS A 524 -13.37 9.05 -24.70
C LYS A 524 -11.88 9.24 -24.39
N PHE A 525 -11.30 8.16 -23.92
CA PHE A 525 -9.92 8.15 -23.50
C PHE A 525 -9.01 8.48 -24.67
N LEU A 526 -8.08 9.41 -24.46
CA LEU A 526 -7.12 9.82 -25.47
C LEU A 526 -5.96 8.81 -25.61
N TRP A 527 -5.71 8.02 -24.57
CA TRP A 527 -4.53 7.20 -24.53
C TRP A 527 -4.96 5.77 -24.18
N PRO A 528 -4.49 4.79 -24.94
CA PRO A 528 -4.91 3.40 -24.73
C PRO A 528 -4.36 2.74 -23.46
N GLY A 529 -3.19 3.19 -23.01
CA GLY A 529 -2.69 2.70 -21.76
C GLY A 529 -2.23 1.26 -21.79
N PHE A 530 -2.25 0.63 -20.63
CA PHE A 530 -1.74 -0.72 -20.45
C PHE A 530 -0.30 -0.84 -20.96
N GLY A 531 -0.02 -1.79 -21.87
CA GLY A 531 1.34 -2.05 -22.27
C GLY A 531 1.90 -0.94 -23.13
N GLU A 532 1.03 -0.09 -23.68
CA GLU A 532 1.47 1.05 -24.49
C GLU A 532 2.13 2.10 -23.60
N ASN A 533 1.88 2.03 -22.30
CA ASN A 533 2.56 2.93 -21.36
C ASN A 533 4.08 2.75 -21.46
N SER A 534 4.57 1.66 -22.04
CA SER A 534 5.99 1.49 -22.27
C SER A 534 6.53 2.64 -23.11
N ARG A 535 5.70 3.21 -24.00
CA ARG A 535 6.17 4.29 -24.90
C ARG A 535 6.50 5.54 -24.06
N VAL A 536 5.80 5.74 -22.93
CA VAL A 536 6.08 6.85 -22.02
C VAL A 536 7.32 6.53 -21.16
N LEU A 537 7.47 5.29 -20.71
CA LEU A 537 8.66 4.93 -19.95
C LEU A 537 9.90 5.08 -20.83
N GLU A 538 9.76 4.78 -22.12
CA GLU A 538 10.88 4.95 -23.01
C GLU A 538 11.32 6.44 -22.99
N TRP A 539 10.39 7.36 -23.01
CA TRP A 539 10.78 8.76 -23.08
C TRP A 539 11.47 9.16 -21.76
N MET A 540 10.92 8.71 -20.63
CA MET A 540 11.54 8.98 -19.35
C MET A 540 12.96 8.43 -19.32
N PHE A 541 13.14 7.21 -19.80
CA PHE A 541 14.42 6.54 -19.81
C PHE A 541 15.44 7.42 -20.58
N GLY A 542 15.02 7.92 -21.75
CA GLY A 542 15.89 8.79 -22.55
C GLY A 542 16.18 10.11 -21.86
N ARG A 543 15.19 10.67 -21.16
CA ARG A 543 15.41 11.92 -20.43
C ARG A 543 16.39 11.68 -19.28
N ILE A 544 16.34 10.54 -18.60
CA ILE A 544 17.34 10.24 -17.54
C ILE A 544 18.76 10.18 -18.17
N GLU A 545 18.87 9.68 -19.37
CA GLU A 545 20.16 9.68 -20.10
C GLU A 545 20.50 11.05 -20.69
N GLY A 546 19.67 12.08 -20.52
CA GLY A 546 20.01 13.45 -21.00
C GLY A 546 19.73 13.69 -22.48
N GLU A 547 18.86 12.89 -23.08
CA GLU A 547 18.52 13.09 -24.47
C GLU A 547 17.73 14.38 -24.61
N ASP A 548 17.96 15.01 -25.74
CA ASP A 548 17.37 16.30 -26.12
C ASP A 548 15.97 16.07 -26.72
N SER A 549 15.07 15.51 -25.92
CA SER A 549 13.79 15.05 -26.37
C SER A 549 12.67 15.84 -25.69
N ALA A 550 12.99 16.93 -25.02
CA ALA A 550 12.00 17.63 -24.21
C ALA A 550 11.82 19.09 -24.68
N LYS A 551 10.60 19.58 -24.52
CA LYS A 551 10.20 20.97 -24.76
C LYS A 551 9.70 21.60 -23.44
N LEU A 552 10.06 22.85 -23.20
CA LEU A 552 9.70 23.55 -21.92
C LEU A 552 8.26 24.05 -22.05
N THR A 553 7.47 23.85 -21.01
CA THR A 553 6.17 24.38 -20.94
C THR A 553 6.02 24.97 -19.54
N PRO A 554 4.95 25.72 -19.31
CA PRO A 554 4.75 26.27 -17.96
C PRO A 554 4.65 25.22 -16.84
N ILE A 555 4.25 23.97 -17.15
CA ILE A 555 4.03 22.97 -16.09
C ILE A 555 5.26 22.07 -15.92
N GLY A 556 6.22 22.16 -16.84
CA GLY A 556 7.32 21.28 -16.87
C GLY A 556 7.78 20.97 -18.29
N TYR A 557 8.72 20.05 -18.43
CA TYR A 557 9.10 19.61 -19.77
C TYR A 557 8.12 18.56 -20.27
N VAL A 558 7.72 18.67 -21.56
CA VAL A 558 6.96 17.62 -22.23
C VAL A 558 7.80 17.04 -23.38
N PRO A 559 7.32 15.94 -23.93
CA PRO A 559 8.01 15.41 -25.07
C PRO A 559 7.87 16.38 -26.26
N LYS A 560 8.97 16.64 -26.95
CA LYS A 560 8.93 17.29 -28.25
C LYS A 560 7.99 16.54 -29.22
N GLU A 561 7.54 17.29 -30.24
CA GLU A 561 6.77 16.71 -31.34
C GLU A 561 7.56 15.53 -31.92
N ASP A 562 6.91 14.40 -32.06
CA ASP A 562 7.58 13.21 -32.57
C ASP A 562 8.66 12.52 -31.66
N ALA A 563 8.87 12.96 -30.43
CA ALA A 563 9.84 12.30 -29.52
C ALA A 563 9.26 11.01 -28.96
N LEU A 564 7.94 10.86 -28.95
CA LEU A 564 7.30 9.62 -28.49
C LEU A 564 7.15 8.62 -29.66
N ASN A 565 7.42 7.35 -29.40
CA ASN A 565 7.09 6.33 -30.39
C ASN A 565 5.56 6.11 -30.34
N LEU A 566 4.82 6.59 -31.33
CA LEU A 566 3.38 6.35 -31.39
C LEU A 566 2.99 5.41 -32.55
N LYS A 567 3.97 4.72 -33.16
CA LYS A 567 3.68 3.83 -34.30
C LYS A 567 2.82 2.68 -33.80
N GLY A 568 1.75 2.38 -34.53
CA GLY A 568 0.93 1.23 -34.23
C GLY A 568 -0.28 1.62 -33.40
N LEU A 569 -0.39 2.90 -33.05
CA LEU A 569 -1.47 3.32 -32.17
C LEU A 569 -2.60 3.94 -33.00
N GLY A 570 -2.42 4.01 -34.32
CA GLY A 570 -3.39 4.70 -35.15
C GLY A 570 -3.32 6.21 -34.93
N ASP A 571 -4.47 6.87 -34.94
CA ASP A 571 -4.49 8.32 -34.94
C ASP A 571 -4.59 8.76 -33.49
N VAL A 572 -3.48 9.22 -32.93
CA VAL A 572 -3.50 9.73 -31.56
C VAL A 572 -3.78 11.22 -31.64
N ASN A 573 -4.73 11.70 -30.84
CA ASN A 573 -5.08 13.10 -30.87
C ASN A 573 -4.08 13.85 -29.99
N VAL A 574 -2.90 14.15 -30.54
CA VAL A 574 -1.78 14.67 -29.76
C VAL A 574 -2.10 16.09 -29.25
N GLU A 575 -2.87 16.85 -30.04
CA GLU A 575 -3.19 18.23 -29.70
C GLU A 575 -3.90 18.31 -28.35
N GLU A 576 -4.90 17.43 -28.18
CA GLU A 576 -5.72 17.35 -26.97
C GLU A 576 -4.98 16.56 -25.88
N LEU A 577 -4.29 15.48 -26.22
CA LEU A 577 -3.55 14.67 -25.24
C LEU A 577 -2.49 15.54 -24.55
N PHE A 578 -1.74 16.29 -25.34
CA PHE A 578 -0.57 17.01 -24.79
C PHE A 578 -0.91 18.49 -24.62
N GLY A 579 -2.17 18.88 -24.85
CA GLY A 579 -2.57 20.27 -24.76
C GLY A 579 -2.43 20.83 -23.35
N ILE A 580 -2.04 22.09 -23.26
CA ILE A 580 -2.00 22.82 -21.99
C ILE A 580 -2.87 24.08 -22.10
N SER A 581 -3.97 24.09 -21.36
CA SER A 581 -4.91 25.20 -21.37
C SER A 581 -4.61 26.18 -20.24
N LYS A 582 -4.40 27.46 -20.59
CA LYS A 582 -4.18 28.47 -19.56
C LYS A 582 -5.37 28.49 -18.59
N GLU A 583 -6.57 28.39 -19.13
CA GLU A 583 -7.78 28.53 -18.32
C GLU A 583 -7.88 27.37 -17.30
N PHE A 584 -7.63 26.16 -17.74
CA PHE A 584 -7.58 24.98 -16.84
C PHE A 584 -6.50 25.16 -15.75
N TRP A 585 -5.30 25.59 -16.15
CA TRP A 585 -4.16 25.63 -15.22
C TRP A 585 -4.28 26.81 -14.24
N GLU A 586 -4.96 27.90 -14.64
CA GLU A 586 -5.24 29.00 -13.70
C GLU A 586 -6.14 28.44 -12.60
N LYS A 587 -7.14 27.67 -13.00
CA LYS A 587 -8.05 27.06 -12.02
C LYS A 587 -7.29 26.04 -11.17
N GLU A 588 -6.42 25.26 -11.78
CA GLU A 588 -5.70 24.21 -11.00
C GLU A 588 -4.81 24.88 -9.92
N VAL A 589 -4.09 25.93 -10.26
CA VAL A 589 -3.21 26.55 -9.31
C VAL A 589 -4.02 27.26 -8.21
N GLU A 590 -5.17 27.82 -8.55
CA GLU A 590 -6.04 28.43 -7.55
C GLU A 590 -6.57 27.37 -6.57
N GLU A 591 -6.96 26.20 -7.09
CA GLU A 591 -7.44 25.13 -6.20
C GLU A 591 -6.28 24.63 -5.30
N ILE A 592 -5.12 24.44 -5.87
CA ILE A 592 -3.95 23.96 -5.05
C ILE A 592 -3.65 24.98 -3.95
N ASP A 593 -3.67 26.27 -4.28
CA ASP A 593 -3.45 27.35 -3.30
C ASP A 593 -4.47 27.26 -2.14
N LYS A 594 -5.76 27.12 -2.45
CA LYS A 594 -6.79 27.06 -1.44
C LYS A 594 -6.58 25.82 -0.56
N TYR A 595 -6.29 24.68 -1.21
CA TYR A 595 -6.06 23.38 -0.52
C TYR A 595 -4.85 23.45 0.42
N LEU A 596 -3.70 23.90 -0.08
CA LEU A 596 -2.52 24.01 0.79
C LEU A 596 -2.74 25.01 1.94
N GLU A 597 -3.40 26.13 1.69
CA GLU A 597 -3.61 27.10 2.75
C GLU A 597 -4.53 26.48 3.80
N ASP A 598 -5.57 25.79 3.38
CA ASP A 598 -6.53 25.26 4.36
C ASP A 598 -5.92 24.10 5.18
N GLN A 599 -5.30 23.18 4.49
CA GLN A 599 -4.87 21.93 5.06
C GLN A 599 -3.45 21.97 5.61
N VAL A 600 -2.58 22.93 5.22
CA VAL A 600 -1.17 22.87 5.61
C VAL A 600 -0.74 24.17 6.29
N ASN A 601 -1.13 25.30 5.68
CA ASN A 601 -1.03 26.65 6.28
C ASN A 601 0.37 26.86 6.85
N ALA A 602 0.49 27.06 8.17
CA ALA A 602 1.80 27.49 8.76
C ALA A 602 2.88 26.39 8.69
N ASP A 603 2.53 25.13 8.37
CA ASP A 603 3.51 24.07 8.23
C ASP A 603 4.00 23.92 6.79
N LEU A 604 3.46 24.70 5.87
CA LEU A 604 3.95 24.61 4.46
C LEU A 604 5.36 25.21 4.33
N PRO A 605 6.31 24.43 3.75
CA PRO A 605 7.65 24.96 3.56
C PRO A 605 7.62 26.15 2.59
N TYR A 606 8.43 27.17 2.83
CA TYR A 606 8.46 28.30 1.90
C TYR A 606 8.83 27.82 0.48
N GLU A 607 9.64 26.78 0.34
CA GLU A 607 10.04 26.30 -1.00
C GLU A 607 8.79 25.92 -1.80
N ILE A 608 7.83 25.34 -1.13
CA ILE A 608 6.62 24.89 -1.84
C ILE A 608 5.79 26.11 -2.24
N GLU A 609 5.63 27.07 -1.34
CA GLU A 609 4.88 28.25 -1.66
C GLU A 609 5.58 28.97 -2.82
N ARG A 610 6.89 28.97 -2.86
CA ARG A 610 7.64 29.63 -3.98
C ARG A 610 7.34 28.91 -5.30
N GLU A 611 7.29 27.60 -5.26
CA GLU A 611 6.99 26.82 -6.48
C GLU A 611 5.56 27.07 -6.98
N LEU A 612 4.59 27.20 -6.07
CA LEU A 612 3.22 27.61 -6.43
C LEU A 612 3.25 28.99 -7.08
N ARG A 613 3.94 29.93 -6.44
CA ARG A 613 4.06 31.30 -6.99
C ARG A 613 4.66 31.26 -8.41
N ALA A 614 5.69 30.44 -8.59
CA ALA A 614 6.40 30.37 -9.85
C ALA A 614 5.50 29.75 -10.92
N LEU A 615 4.80 28.68 -10.54
CA LEU A 615 3.91 28.10 -11.50
C LEU A 615 2.81 29.09 -11.90
N LYS A 616 2.22 29.77 -10.91
CA LYS A 616 1.21 30.78 -11.18
C LYS A 616 1.74 31.80 -12.20
N GLN A 617 2.95 32.27 -11.99
CA GLN A 617 3.51 33.26 -12.91
C GLN A 617 3.76 32.66 -14.30
N ARG A 618 4.27 31.43 -14.41
CA ARG A 618 4.51 30.88 -15.78
C ARG A 618 3.17 30.73 -16.52
N ILE A 619 2.09 30.40 -15.79
CA ILE A 619 0.73 30.32 -16.41
C ILE A 619 0.21 31.72 -16.83
N SER A 620 0.43 32.75 -15.99
CA SER A 620 -0.02 34.10 -16.29
C SER A 620 0.56 34.57 -17.61
N GLN A 621 1.71 34.07 -18.03
CA GLN A 621 2.41 34.66 -19.16
C GLN A 621 2.11 33.85 -20.43
N MET A 622 1.22 32.86 -20.32
CA MET A 622 0.72 32.15 -21.49
C MET A 622 -0.21 33.07 -22.29
C1 EDO B . -8.90 -1.57 2.77
O1 EDO B . -9.12 -0.33 2.06
C2 EDO B . -7.63 -2.33 2.43
O2 EDO B . -7.10 -2.83 3.67
C1 EDO C . 2.63 21.35 -12.62
O1 EDO C . 3.99 21.88 -12.64
C2 EDO C . 2.03 20.86 -11.30
O2 EDO C . 2.05 19.43 -11.21
C1 EDO D . 17.24 9.25 1.68
O1 EDO D . 18.38 8.79 2.45
C2 EDO D . 16.74 10.64 2.08
O2 EDO D . 16.18 10.51 3.39
C1 EDO E . -1.55 7.73 -14.07
O1 EDO E . -2.84 8.14 -14.61
C2 EDO E . -1.66 6.68 -12.98
O2 EDO E . -2.49 7.20 -11.91
C1 EDO F . -8.50 21.45 -20.65
O1 EDO F . -7.19 21.50 -21.26
C2 EDO F . -9.35 20.36 -21.27
O2 EDO F . -8.68 19.12 -20.97
C1 EDO G . 10.62 26.15 -11.17
O1 EDO G . 9.78 26.77 -10.24
C2 EDO G . 12.06 25.93 -10.73
O2 EDO G . 12.11 25.17 -9.57
C1 EDO H . 1.68 -2.63 24.18
O1 EDO H . 2.23 -3.91 24.50
C2 EDO H . 0.18 -2.78 24.03
O2 EDO H . -0.35 -3.36 25.25
C1 EDO I . 3.64 9.76 22.60
O1 EDO I . 3.72 10.58 23.78
C2 EDO I . 3.44 8.30 22.98
O2 EDO I . 2.27 8.16 23.79
C1 EDO J . 13.88 16.98 -11.51
O1 EDO J . 13.58 15.97 -12.46
C2 EDO J . 14.33 16.39 -10.19
O2 EDO J . 15.53 15.63 -10.28
C1 EDO K . -7.38 4.55 -20.53
O1 EDO K . -7.28 4.22 -21.95
C2 EDO K . -6.26 3.88 -19.74
O2 EDO K . -5.02 4.36 -20.27
C1 EDO L . 15.71 20.56 -21.60
O1 EDO L . 16.40 19.84 -22.63
C2 EDO L . 16.68 20.83 -20.46
O2 EDO L . 16.88 19.57 -19.78
C1 EDO M . 10.50 8.14 -30.97
O1 EDO M . 10.01 7.14 -31.86
C2 EDO M . 11.92 7.80 -30.61
O2 EDO M . 11.87 6.69 -29.73
C1 EDO N . 13.45 1.76 15.28
O1 EDO N . 14.08 2.26 14.08
C2 EDO N . 13.04 0.30 15.15
O2 EDO N . 14.15 -0.50 14.72
C1 EDO O . 5.43 -5.62 -3.25
O1 EDO O . 4.30 -4.78 -3.51
C2 EDO O . 4.98 -6.87 -2.51
O2 EDO O . 6.01 -7.86 -2.56
C1 EDO P . -11.40 20.03 13.99
O1 EDO P . -10.56 20.02 12.80
C2 EDO P . -11.40 18.64 14.62
O2 EDO P . -12.74 18.22 14.87
C1 EDO Q . 4.69 29.26 3.24
O1 EDO Q . 3.48 29.85 2.76
C2 EDO Q . 4.84 29.58 4.71
O2 EDO Q . 4.26 28.55 5.52
C1 EDO R . -0.63 28.43 -0.20
O1 EDO R . 0.10 29.62 -0.56
C2 EDO R . -0.37 28.19 1.27
O2 EDO R . -0.94 29.26 2.01
C1 EDO S . 19.17 10.07 -12.37
O1 EDO S . 20.23 10.44 -13.23
C2 EDO S . 19.80 9.82 -11.01
O2 EDO S . 20.60 10.96 -10.66
C1 EDO T . -5.78 -4.61 -11.92
O1 EDO T . -6.55 -3.78 -12.79
C2 EDO T . -6.19 -4.37 -10.46
O2 EDO T . -7.49 -3.75 -10.34
C1 EDO U . -10.89 -17.38 13.54
O1 EDO U . -10.61 -18.49 14.43
C2 EDO U . -11.50 -16.12 14.20
O2 EDO U . -10.61 -15.30 14.96
#